data_8X8G
#
_entry.id   8X8G
#
_cell.length_a   101.061
_cell.length_b   232.603
_cell.length_c   50.654
_cell.angle_alpha   90.00
_cell.angle_beta   90.00
_cell.angle_gamma   90.00
#
_symmetry.space_group_name_H-M   'P 21 21 21'
#
loop_
_entity.id
_entity.type
_entity.pdbx_description
1 polymer 'glycoside hydrolase'
2 branched 'N-acetyl-alpha-neuraminic acid-(2-6)-beta-D-galactopyranose-(1-4)-2-acetamido-2-deoxy-beta-D-glucopyranose-(1-2)-alpha-D-mannopyranose-(1-3)-[N-acetyl-alpha-neuraminic acid-(2-6)-beta-D-galactopyranose-(1-4)-2-acetamido-2-deoxy-beta-D-glucopyranose-(1-2)-alpha-D-mannopyranose-(1-6)]beta-D-mannopyranose'
3 non-polymer 2-METHYL-4,5-DIHYDRO-(1,2-DIDEOXY-ALPHA-D-GLUCOPYRANOSO)[2,1-D]-1,3-OXAZOLE
4 non-polymer 'CALCIUM ION'
5 water water
#
_entity_poly.entity_id   1
_entity_poly.type   'polypeptide(L)'
_entity_poly.pdbx_seq_one_letter_code
;MVAILAAQHDSLIRVKAEDKLVQTSPSVSAIDALHYLSENSKKEFKEELSKVEKAQPEKLKEIVSKAQQADKQAKTLAEM
KVPEKIPMKPLKGPLYGGYFRTWHDKTSDPAEKDKVNSMGELPKEVDLAFVFHDWTKDYSLFWQELATKHVPTLNKQGTR
VIRTIPWRFLAGGDHSGIAEDAQKYPNTPEGNKALAKAIVDEYVYKYNLDGLDVMIERDSIPKVNKEESKEGIERSIQVF
EEIGKLIGPKGADKSRLFIMDSTYMADKNPLIERGAPYIDLLLVQVYGTQGEKGGFDNANHKAVDTMEERWESYSKYIRP
EQYMVGFSFYEEKANSGNLWYDVNVEDDTNPNIGSEIKGTRAERYAKWQPKTGGVKGGIFSYGIDRDGVAHPKKNGPKTP
DLDKIVKSDYKVSKALKKVMENDKSYELIDQKDFPDKALREAVIAQVGSRRGNLERFNGTLRLDNPDIKSLEGLNKLKKL
AKLELIGLSQITKLDSSVLPENIKPTKDTLVSVLETYKNDDRKEEAKAIPQVALTISGLTGLKELNLAGFDRDSLAGIDA
ASLTSLEKVDLSSNKLDLAAGTENRQILDTMLATVTKHGGVSEKTFVFDHQKPTGLYPDTYGTKSLQLPVANDTIDLQAK
LLFGTVTNQGTLINSEADYKAYQEQEIAGHRFVDSSYDYKAFAVTYKDYKIKVTDSTLGVTDHKDLSTSKEETYKVEFFS
PINSTKPVHEAKIVVGEEKTMMVNLAEGATIIGGDADPTNAKKVFDGLLNNDTTTLSTSNKASIIFELKEPGLVKHWRFF
NDSKISKADYIKEAKLEAFVGHLEDSSKVKDSLEKSTEWVTVSDYSGEAQEFSQPLNNIGAKYWRITIDNKKSQYGYVSL
PELQIIGHRLPEAATVMTTMAAAEELSQQKDKFSQEQLKELEVKVAALKAALDNKMFNADTINASFADVKAYIDKHHHHH
H
;
_entity_poly.pdbx_strand_id   A
#
# COMPACT_ATOMS: atom_id res chain seq x y z
N MET A 80 17.43 16.76 -47.78
CA MET A 80 16.19 16.02 -47.70
C MET A 80 15.02 16.97 -47.53
N LYS A 81 13.94 16.78 -48.30
CA LYS A 81 12.76 17.62 -48.14
C LYS A 81 11.65 16.78 -47.51
N VAL A 82 11.31 17.12 -46.28
CA VAL A 82 10.38 16.33 -45.47
C VAL A 82 8.97 16.86 -45.74
N PRO A 83 8.02 16.02 -46.14
CA PRO A 83 6.66 16.50 -46.40
C PRO A 83 5.98 16.89 -45.11
N GLU A 84 4.99 17.76 -45.23
CA GLU A 84 4.34 18.29 -44.05
C GLU A 84 3.12 17.46 -43.66
N LYS A 85 2.71 17.63 -42.40
CA LYS A 85 1.82 16.66 -41.78
C LYS A 85 0.50 16.57 -42.52
N ILE A 86 -0.01 15.36 -42.60
CA ILE A 86 -1.10 14.98 -43.47
C ILE A 86 -2.32 14.94 -42.57
N PRO A 87 -3.47 15.47 -42.97
CA PRO A 87 -4.65 15.38 -42.09
C PRO A 87 -4.99 13.92 -41.81
N MET A 88 -5.27 13.63 -40.54
CA MET A 88 -5.56 12.28 -40.10
C MET A 88 -6.80 12.29 -39.22
N LYS A 89 -7.62 11.28 -39.40
CA LYS A 89 -8.78 11.08 -38.56
C LYS A 89 -8.33 10.73 -37.14
N PRO A 90 -9.07 11.16 -36.11
CA PRO A 90 -8.61 10.95 -34.73
C PRO A 90 -8.49 9.47 -34.39
N LEU A 91 -7.57 9.17 -33.48
CA LEU A 91 -7.38 7.80 -33.02
C LEU A 91 -8.57 7.37 -32.18
N LYS A 92 -9.14 6.21 -32.51
CA LYS A 92 -10.13 5.59 -31.64
C LYS A 92 -9.81 4.11 -31.50
N GLY A 93 -9.72 3.66 -30.25
CA GLY A 93 -9.54 2.26 -29.93
C GLY A 93 -10.73 1.40 -30.33
N PRO A 94 -10.54 0.08 -30.29
CA PRO A 94 -9.30 -0.56 -29.83
C PRO A 94 -8.13 -0.35 -30.79
N LEU A 95 -6.95 -0.09 -30.24
CA LEU A 95 -5.77 0.25 -31.00
C LEU A 95 -4.88 -0.99 -31.15
N TYR A 96 -4.25 -1.11 -32.32
CA TYR A 96 -3.23 -2.11 -32.54
C TYR A 96 -1.92 -1.41 -32.90
N GLY A 97 -0.84 -1.79 -32.22
CA GLY A 97 0.45 -1.19 -32.48
C GLY A 97 1.48 -2.22 -32.88
N GLY A 98 2.53 -1.78 -33.56
CA GLY A 98 3.58 -2.69 -33.98
C GLY A 98 4.96 -2.08 -33.95
N TYR A 99 5.91 -2.79 -33.34
CA TYR A 99 7.31 -2.38 -33.34
C TYR A 99 7.96 -2.98 -34.58
N PHE A 100 8.37 -2.11 -35.50
CA PHE A 100 9.04 -2.54 -36.72
C PHE A 100 10.54 -2.36 -36.54
N ARG A 101 11.29 -3.45 -36.65
CA ARG A 101 12.74 -3.42 -36.48
C ARG A 101 13.37 -2.85 -37.75
N THR A 102 14.05 -1.71 -37.62
CA THR A 102 14.50 -0.97 -38.79
C THR A 102 15.43 -1.79 -39.67
N TRP A 103 16.26 -2.64 -39.05
CA TRP A 103 17.19 -3.42 -39.87
C TRP A 103 16.50 -4.46 -40.74
N HIS A 104 15.18 -4.60 -40.65
CA HIS A 104 14.42 -5.48 -41.53
C HIS A 104 13.65 -4.73 -42.61
N ASP A 105 13.88 -3.43 -42.76
CA ASP A 105 13.37 -2.70 -43.90
C ASP A 105 14.35 -2.84 -45.06
N LYS A 106 13.80 -2.97 -46.27
CA LYS A 106 14.61 -3.21 -47.46
C LYS A 106 15.72 -2.17 -47.60
N THR A 107 15.41 -0.90 -47.34
CA THR A 107 16.33 0.20 -47.58
C THR A 107 17.36 0.38 -46.47
N SER A 108 17.34 -0.46 -45.44
CA SER A 108 18.28 -0.28 -44.33
C SER A 108 19.71 -0.57 -44.77
N ASP A 109 19.98 -1.79 -45.19
CA ASP A 109 21.28 -2.17 -45.75
C ASP A 109 21.05 -2.80 -47.12
N PRO A 110 21.35 -2.10 -48.20
CA PRO A 110 21.15 -2.69 -49.54
C PRO A 110 21.99 -3.93 -49.79
N ALA A 111 23.05 -4.13 -49.01
CA ALA A 111 23.85 -5.34 -49.17
C ALA A 111 23.17 -6.58 -48.58
N GLU A 112 22.37 -6.41 -47.52
CA GLU A 112 21.66 -7.58 -47.00
C GLU A 112 20.46 -7.82 -47.91
N LYS A 113 20.69 -8.60 -48.97
CA LYS A 113 19.65 -8.96 -49.93
C LYS A 113 18.55 -9.80 -49.31
N ASP A 114 18.77 -10.38 -48.13
CA ASP A 114 17.70 -11.14 -47.48
C ASP A 114 16.66 -10.22 -46.84
N LYS A 115 17.02 -8.96 -46.58
CA LYS A 115 16.11 -8.03 -45.93
C LYS A 115 15.11 -7.52 -46.97
N VAL A 116 13.85 -7.95 -46.83
CA VAL A 116 12.86 -7.84 -47.90
C VAL A 116 11.60 -7.10 -47.49
N ASN A 117 11.45 -6.75 -46.21
CA ASN A 117 10.21 -6.14 -45.77
C ASN A 117 10.26 -4.62 -45.93
N SER A 118 9.13 -3.98 -45.67
CA SER A 118 9.02 -2.53 -45.79
C SER A 118 8.03 -1.99 -44.77
N MET A 119 8.45 -0.97 -44.03
CA MET A 119 7.57 -0.37 -43.05
C MET A 119 6.39 0.34 -43.71
N GLY A 120 6.54 0.76 -44.96
CA GLY A 120 5.43 1.35 -45.69
C GLY A 120 4.35 0.36 -46.07
N GLU A 121 4.65 -0.94 -45.99
CA GLU A 121 3.69 -1.97 -46.35
C GLU A 121 2.74 -2.34 -45.22
N LEU A 122 2.88 -1.72 -44.05
CA LEU A 122 2.02 -2.06 -42.94
C LEU A 122 0.57 -1.72 -43.27
N PRO A 123 -0.39 -2.54 -42.86
CA PRO A 123 -1.78 -2.32 -43.25
C PRO A 123 -2.49 -1.32 -42.34
N LYS A 124 -3.66 -0.88 -42.82
CA LYS A 124 -4.44 0.14 -42.12
C LYS A 124 -4.89 -0.31 -40.74
N GLU A 125 -4.96 -1.63 -40.50
CA GLU A 125 -5.31 -2.13 -39.17
C GLU A 125 -4.27 -1.76 -38.12
N VAL A 126 -3.08 -1.34 -38.54
CA VAL A 126 -2.04 -0.88 -37.63
C VAL A 126 -2.28 0.59 -37.35
N ASP A 127 -2.60 0.92 -36.09
CA ASP A 127 -2.80 2.31 -35.72
C ASP A 127 -1.48 3.00 -35.39
N LEU A 128 -0.56 2.29 -34.76
CA LEU A 128 0.71 2.85 -34.32
C LEU A 128 1.84 1.96 -34.83
N ALA A 129 2.61 2.49 -35.78
CA ALA A 129 3.82 1.84 -36.25
C ALA A 129 5.00 2.44 -35.50
N PHE A 130 5.69 1.61 -34.71
CA PHE A 130 6.80 2.06 -33.89
C PHE A 130 8.12 1.79 -34.61
N VAL A 131 8.95 2.82 -34.71
CA VAL A 131 10.27 2.71 -35.32
C VAL A 131 11.22 2.24 -34.21
N PHE A 132 11.54 0.95 -34.20
CA PHE A 132 12.48 0.39 -33.23
C PHE A 132 13.84 0.26 -33.91
N HIS A 133 14.77 1.13 -33.55
CA HIS A 133 16.01 1.30 -34.30
C HIS A 133 17.17 0.56 -33.62
N ASP A 134 17.88 -0.23 -34.43
CA ASP A 134 19.20 -0.73 -34.08
C ASP A 134 19.87 -1.18 -35.38
N TRP A 135 21.20 -1.12 -35.38
CA TRP A 135 22.06 -1.66 -36.44
C TRP A 135 21.97 -0.86 -37.74
N THR A 136 21.01 0.05 -37.84
CA THR A 136 20.84 0.82 -39.07
C THR A 136 21.76 2.03 -39.00
N LYS A 137 22.62 2.17 -39.99
CA LYS A 137 23.67 3.19 -39.94
C LYS A 137 23.06 4.59 -40.02
N ASP A 138 23.79 5.55 -39.44
CA ASP A 138 23.36 6.94 -39.43
C ASP A 138 23.08 7.44 -40.85
N TYR A 139 23.87 6.96 -41.82
CA TYR A 139 23.80 7.41 -43.19
C TYR A 139 22.88 6.56 -44.05
N SER A 140 22.18 5.59 -43.46
CA SER A 140 21.37 4.67 -44.24
C SER A 140 20.24 5.40 -44.96
N LEU A 141 19.90 4.89 -46.15
CA LEU A 141 18.80 5.46 -46.91
C LEU A 141 17.44 5.13 -46.32
N PHE A 142 17.37 4.37 -45.23
CA PHE A 142 16.10 4.11 -44.57
C PHE A 142 15.49 5.40 -44.03
N TRP A 143 16.32 6.27 -43.47
CA TRP A 143 15.81 7.50 -42.85
C TRP A 143 15.15 8.40 -43.88
N GLN A 144 15.75 8.50 -45.07
CA GLN A 144 15.10 9.24 -46.14
C GLN A 144 13.82 8.55 -46.60
N GLU A 145 13.85 7.21 -46.68
CA GLU A 145 12.64 6.47 -47.06
C GLU A 145 11.54 6.66 -46.02
N LEU A 146 11.90 6.64 -44.74
CA LEU A 146 10.92 6.83 -43.68
C LEU A 146 10.25 8.20 -43.79
N ALA A 147 11.05 9.26 -43.89
CA ALA A 147 10.50 10.61 -43.83
C ALA A 147 9.71 10.96 -45.09
N THR A 148 10.19 10.53 -46.26
CA THR A 148 9.61 10.99 -47.51
C THR A 148 8.55 10.05 -48.08
N LYS A 149 8.68 8.75 -47.86
CA LYS A 149 7.75 7.78 -48.42
C LYS A 149 6.89 7.09 -47.37
N HIS A 150 7.51 6.51 -46.34
CA HIS A 150 6.77 5.69 -45.40
C HIS A 150 5.76 6.51 -44.60
N VAL A 151 6.20 7.62 -44.00
CA VAL A 151 5.30 8.43 -43.18
C VAL A 151 4.09 8.94 -43.98
N PRO A 152 4.26 9.54 -45.16
CA PRO A 152 3.05 9.91 -45.93
C PRO A 152 2.18 8.72 -46.27
N THR A 153 2.76 7.58 -46.65
CA THR A 153 1.96 6.41 -46.98
C THR A 153 1.18 5.91 -45.78
N LEU A 154 1.81 5.89 -44.61
CA LEU A 154 1.14 5.41 -43.41
C LEU A 154 0.14 6.42 -42.87
N ASN A 155 0.49 7.72 -42.91
CA ASN A 155 -0.45 8.74 -42.45
C ASN A 155 -1.70 8.77 -43.31
N LYS A 156 -1.55 8.54 -44.63
CA LYS A 156 -2.69 8.57 -45.52
C LYS A 156 -3.75 7.55 -45.12
N GLN A 157 -3.33 6.40 -44.60
CA GLN A 157 -4.26 5.36 -44.17
C GLN A 157 -4.61 5.46 -42.69
N GLY A 158 -4.12 6.48 -41.99
CA GLY A 158 -4.43 6.66 -40.58
C GLY A 158 -3.45 6.04 -39.62
N THR A 159 -2.32 5.53 -40.10
CA THR A 159 -1.33 4.90 -39.23
C THR A 159 -0.33 5.95 -38.76
N ARG A 160 -0.20 6.07 -37.44
CA ARG A 160 0.79 6.97 -36.87
C ARG A 160 2.15 6.28 -36.82
N VAL A 161 3.20 7.05 -37.07
CA VAL A 161 4.58 6.56 -37.03
C VAL A 161 5.24 7.15 -35.80
N ILE A 162 5.70 6.28 -34.91
CA ILE A 162 6.22 6.68 -33.60
C ILE A 162 7.68 6.29 -33.52
N ARG A 163 8.52 7.23 -33.11
CA ARG A 163 9.93 6.94 -32.87
C ARG A 163 10.09 6.42 -31.45
N THR A 164 10.71 5.26 -31.34
CA THR A 164 11.05 4.63 -30.07
C THR A 164 12.49 4.93 -29.69
N ILE A 165 12.68 5.40 -28.46
CA ILE A 165 14.03 5.64 -27.94
C ILE A 165 14.15 5.00 -26.56
N PRO A 166 15.35 4.56 -26.16
CA PRO A 166 15.52 4.00 -24.83
C PRO A 166 15.52 5.06 -23.73
N TRP A 167 15.10 4.61 -22.56
CA TRP A 167 15.12 5.39 -21.32
C TRP A 167 16.35 6.29 -21.19
N ARG A 168 17.53 5.70 -21.36
CA ARG A 168 18.78 6.40 -21.09
C ARG A 168 19.02 7.60 -22.00
N PHE A 169 18.30 7.71 -23.13
CA PHE A 169 18.39 8.91 -23.95
C PHE A 169 17.95 10.15 -23.19
N LEU A 170 17.15 9.98 -22.14
CA LEU A 170 16.72 11.09 -21.31
C LEU A 170 17.68 11.38 -20.16
N ALA A 171 18.70 10.53 -19.97
CA ALA A 171 19.59 10.64 -18.84
C ALA A 171 21.00 11.10 -19.20
N GLY A 172 21.49 10.78 -20.38
CA GLY A 172 22.90 10.91 -20.65
C GLY A 172 23.66 9.68 -20.20
N GLY A 173 24.98 9.77 -20.27
CA GLY A 173 25.82 8.64 -19.93
C GLY A 173 26.01 7.69 -21.09
N ASP A 174 26.10 6.39 -20.80
CA ASP A 174 26.37 5.41 -21.83
C ASP A 174 25.25 5.37 -22.87
N HIS A 175 25.65 5.28 -24.14
CA HIS A 175 24.76 5.04 -25.28
C HIS A 175 23.44 5.82 -25.17
N SER A 176 23.57 7.13 -25.02
CA SER A 176 22.42 7.97 -24.68
C SER A 176 22.03 8.94 -25.80
N GLY A 177 22.41 8.65 -27.04
CA GLY A 177 21.94 9.45 -28.16
C GLY A 177 22.34 10.90 -28.05
N ILE A 178 21.37 11.78 -28.31
CA ILE A 178 21.59 13.23 -28.26
C ILE A 178 22.22 13.63 -26.92
N ALA A 179 21.77 12.99 -25.84
CA ALA A 179 22.20 13.35 -24.50
C ALA A 179 23.68 13.07 -24.23
N GLU A 180 24.36 12.34 -25.13
CA GLU A 180 25.79 12.12 -24.95
C GLU A 180 26.57 13.42 -24.91
N ASP A 181 26.04 14.49 -25.52
CA ASP A 181 26.70 15.78 -25.53
C ASP A 181 26.40 16.52 -24.22
N ALA A 182 27.14 16.14 -23.18
CA ALA A 182 26.90 16.71 -21.85
C ALA A 182 27.34 18.17 -21.75
N GLN A 183 28.25 18.62 -22.62
CA GLN A 183 28.64 20.03 -22.59
C GLN A 183 27.55 20.91 -23.20
N LYS A 184 26.90 20.45 -24.27
CA LYS A 184 25.82 21.23 -24.85
C LYS A 184 24.55 21.15 -24.01
N TYR A 185 24.30 20.02 -23.37
CA TYR A 185 23.10 19.81 -22.54
C TYR A 185 23.53 19.37 -21.14
N PRO A 186 23.99 20.30 -20.32
CA PRO A 186 24.41 19.93 -18.96
C PRO A 186 23.22 19.55 -18.10
N ASN A 187 23.53 18.81 -17.03
CA ASN A 187 22.52 18.41 -16.04
C ASN A 187 22.26 19.61 -15.12
N THR A 188 21.51 20.57 -15.66
CA THR A 188 21.06 21.75 -14.94
C THR A 188 19.58 21.95 -15.25
N PRO A 189 18.86 22.77 -14.48
CA PRO A 189 17.46 23.07 -14.84
C PRO A 189 17.30 23.57 -16.27
N GLU A 190 18.18 24.46 -16.73
CA GLU A 190 18.08 24.95 -18.10
C GLU A 190 18.67 23.98 -19.11
N GLY A 191 19.70 23.22 -18.72
CA GLY A 191 20.24 22.21 -19.61
C GLY A 191 19.25 21.09 -19.89
N ASN A 192 18.49 20.69 -18.86
CA ASN A 192 17.50 19.63 -19.03
C ASN A 192 16.33 20.09 -19.88
N LYS A 193 15.94 21.36 -19.73
CA LYS A 193 14.94 21.92 -20.63
C LYS A 193 15.43 21.90 -22.07
N ALA A 194 16.72 22.21 -22.28
CA ALA A 194 17.29 22.21 -23.62
C ALA A 194 17.40 20.79 -24.17
N LEU A 195 17.75 19.82 -23.33
CA LEU A 195 17.83 18.44 -23.80
C LEU A 195 16.48 17.94 -24.27
N ALA A 196 15.41 18.27 -23.53
CA ALA A 196 14.07 17.83 -23.92
C ALA A 196 13.68 18.43 -25.26
N LYS A 197 13.99 19.70 -25.48
CA LYS A 197 13.70 20.30 -26.79
C LYS A 197 14.54 19.64 -27.88
N ALA A 198 15.82 19.37 -27.59
CA ALA A 198 16.67 18.69 -28.56
C ALA A 198 16.17 17.28 -28.86
N ILE A 199 15.71 16.57 -27.82
CA ILE A 199 15.22 15.20 -28.01
C ILE A 199 14.01 15.20 -28.95
N VAL A 200 13.08 16.12 -28.75
CA VAL A 200 11.88 16.15 -29.59
C VAL A 200 12.23 16.61 -31.01
N ASP A 201 13.10 17.61 -31.14
CA ASP A 201 13.51 18.06 -32.46
C ASP A 201 14.20 16.96 -33.24
N GLU A 202 15.06 16.19 -32.57
CA GLU A 202 15.84 15.17 -33.24
C GLU A 202 15.01 13.93 -33.57
N TYR A 203 14.23 13.43 -32.62
CA TYR A 203 13.60 12.13 -32.78
C TYR A 203 12.15 12.20 -33.24
N VAL A 204 11.49 13.34 -33.13
CA VAL A 204 10.12 13.51 -33.61
C VAL A 204 10.08 14.41 -34.85
N TYR A 205 10.50 15.67 -34.71
CA TYR A 205 10.25 16.65 -35.76
C TYR A 205 11.15 16.45 -36.97
N LYS A 206 12.33 15.87 -36.79
CA LYS A 206 13.30 15.80 -37.89
C LYS A 206 12.70 15.13 -39.12
N TYR A 207 12.03 13.99 -38.91
CA TYR A 207 11.35 13.28 -39.99
C TYR A 207 9.84 13.47 -39.95
N ASN A 208 9.37 14.44 -39.16
CA ASN A 208 7.94 14.76 -39.03
C ASN A 208 7.15 13.54 -38.54
N LEU A 209 7.68 12.86 -37.54
CA LEU A 209 7.01 11.70 -36.98
C LEU A 209 5.83 12.14 -36.10
N ASP A 210 5.02 11.17 -35.73
CA ASP A 210 3.76 11.44 -35.04
C ASP A 210 3.86 11.33 -33.53
N GLY A 211 5.01 10.94 -32.99
CA GLY A 211 5.14 10.87 -31.55
C GLY A 211 6.44 10.25 -31.12
N LEU A 212 6.60 10.17 -29.81
CA LEU A 212 7.80 9.65 -29.17
C LEU A 212 7.40 8.58 -28.15
N ASP A 213 8.11 7.46 -28.18
CA ASP A 213 7.86 6.35 -27.28
C ASP A 213 9.15 6.10 -26.49
N VAL A 214 9.08 6.30 -25.17
CA VAL A 214 10.23 6.12 -24.29
C VAL A 214 10.14 4.75 -23.66
N MET A 215 11.20 3.96 -23.79
CA MET A 215 11.21 2.57 -23.40
C MET A 215 11.90 2.43 -22.05
N ILE A 216 11.14 2.04 -21.03
CA ILE A 216 11.59 2.03 -19.64
C ILE A 216 11.69 0.57 -19.21
N GLU A 217 12.90 0.01 -19.27
CA GLU A 217 13.19 -1.35 -18.84
C GLU A 217 14.68 -1.43 -18.50
N ARG A 218 15.11 -2.59 -17.96
CA ARG A 218 16.48 -2.72 -17.47
C ARG A 218 17.47 -2.66 -18.63
N ASP A 219 17.07 -3.30 -19.72
CA ASP A 219 17.62 -3.12 -21.05
C ASP A 219 18.02 -1.70 -21.40
N SER A 220 17.30 -0.68 -20.94
CA SER A 220 17.52 0.68 -21.37
C SER A 220 17.82 1.63 -20.21
N ILE A 221 18.14 1.10 -19.04
CA ILE A 221 18.32 1.90 -17.83
C ILE A 221 19.50 2.85 -18.00
N PRO A 222 19.47 4.05 -17.43
CA PRO A 222 20.65 4.94 -17.49
C PRO A 222 21.86 4.26 -16.87
N LYS A 223 22.99 4.32 -17.59
CA LYS A 223 24.23 3.72 -17.13
C LYS A 223 25.39 4.68 -17.37
N VAL A 224 26.36 4.61 -16.46
CA VAL A 224 27.65 5.28 -16.63
C VAL A 224 28.73 4.24 -16.42
N ASN A 225 29.52 3.99 -17.46
CA ASN A 225 30.57 2.96 -17.44
C ASN A 225 29.99 1.60 -17.07
N LYS A 226 28.96 1.19 -17.82
CA LYS A 226 28.29 -0.11 -17.68
C LYS A 226 27.63 -0.29 -16.32
N GLU A 227 27.60 0.75 -15.49
CA GLU A 227 27.01 0.70 -14.16
C GLU A 227 25.72 1.50 -14.16
N GLU A 228 24.65 0.89 -13.65
CA GLU A 228 23.38 1.60 -13.54
C GLU A 228 23.57 2.88 -12.74
N SER A 229 23.00 3.96 -13.24
CA SER A 229 23.20 5.30 -12.68
C SER A 229 21.91 5.79 -12.03
N LYS A 230 21.88 5.77 -10.70
CA LYS A 230 20.78 6.42 -9.99
C LYS A 230 20.70 7.90 -10.32
N GLU A 231 21.85 8.54 -10.57
CA GLU A 231 21.84 9.96 -10.89
C GLU A 231 21.17 10.21 -12.23
N GLY A 232 21.50 9.39 -13.22
CA GLY A 232 20.84 9.50 -14.51
C GLY A 232 19.35 9.20 -14.44
N ILE A 233 18.96 8.26 -13.57
CA ILE A 233 17.54 7.97 -13.38
C ILE A 233 16.82 9.20 -12.85
N GLU A 234 17.41 9.85 -11.83
CA GLU A 234 16.81 11.07 -11.30
C GLU A 234 16.72 12.15 -12.37
N ARG A 235 17.77 12.29 -13.18
CA ARG A 235 17.73 13.28 -14.25
C ARG A 235 16.66 12.95 -15.28
N SER A 236 16.54 11.66 -15.64
CA SER A 236 15.57 11.27 -16.66
C SER A 236 14.14 11.64 -16.26
N ILE A 237 13.84 11.58 -14.96
CA ILE A 237 12.53 12.02 -14.47
C ILE A 237 12.31 13.49 -14.84
N GLN A 238 13.33 14.32 -14.63
CA GLN A 238 13.23 15.74 -14.96
C GLN A 238 13.06 15.94 -16.46
N VAL A 239 13.87 15.25 -17.26
CA VAL A 239 13.80 15.42 -18.71
C VAL A 239 12.47 14.91 -19.26
N PHE A 240 11.90 13.87 -18.65
CA PHE A 240 10.62 13.35 -19.08
C PHE A 240 9.52 14.41 -18.92
N GLU A 241 9.47 15.06 -17.75
CA GLU A 241 8.48 16.13 -17.55
C GLU A 241 8.66 17.25 -18.57
N GLU A 242 9.92 17.59 -18.87
CA GLU A 242 10.18 18.64 -19.84
C GLU A 242 9.67 18.27 -21.23
N ILE A 243 9.83 17.00 -21.62
CA ILE A 243 9.30 16.55 -22.91
C ILE A 243 7.78 16.63 -22.92
N GLY A 244 7.14 16.25 -21.82
CA GLY A 244 5.70 16.31 -21.73
C GLY A 244 5.13 17.70 -21.83
N LYS A 245 5.94 18.72 -21.56
CA LYS A 245 5.53 20.10 -21.79
C LYS A 245 5.68 20.50 -23.26
N LEU A 246 6.34 19.69 -24.07
CA LEU A 246 6.50 19.95 -25.50
C LEU A 246 5.53 19.15 -26.36
N ILE A 247 5.24 17.91 -25.99
CA ILE A 247 4.38 17.02 -26.75
C ILE A 247 3.48 16.26 -25.79
N GLY A 248 2.49 15.57 -26.34
CA GLY A 248 1.55 14.82 -25.55
C GLY A 248 0.39 15.66 -25.08
N PRO A 249 -0.49 15.08 -24.26
CA PRO A 249 -1.73 15.76 -23.87
C PRO A 249 -1.52 17.05 -23.10
N LYS A 250 -0.40 17.21 -22.39
CA LYS A 250 -0.11 18.43 -21.65
C LYS A 250 0.92 19.31 -22.33
N GLY A 251 1.30 18.99 -23.58
CA GLY A 251 2.37 19.69 -24.23
C GLY A 251 1.91 20.84 -25.11
N ALA A 252 2.89 21.63 -25.56
CA ALA A 252 2.60 22.70 -26.50
C ALA A 252 2.08 22.16 -27.82
N ASP A 253 2.63 21.04 -28.29
CA ASP A 253 2.22 20.39 -29.53
C ASP A 253 1.47 19.11 -29.18
N LYS A 254 0.17 19.24 -28.99
CA LYS A 254 -0.69 18.11 -28.66
C LYS A 254 -0.93 17.18 -29.84
N SER A 255 -0.44 17.54 -31.03
CA SER A 255 -0.59 16.70 -32.21
C SER A 255 0.46 15.59 -32.27
N ARG A 256 1.39 15.54 -31.32
CA ARG A 256 2.39 14.49 -31.25
C ARG A 256 2.17 13.67 -29.99
N LEU A 257 2.13 12.36 -30.15
CA LEU A 257 1.92 11.48 -29.01
C LEU A 257 3.18 11.39 -28.16
N PHE A 258 2.98 11.30 -26.85
CA PHE A 258 4.05 11.03 -25.89
C PHE A 258 3.68 9.72 -25.22
N ILE A 259 4.44 8.67 -25.50
CA ILE A 259 4.10 7.31 -25.11
C ILE A 259 5.20 6.75 -24.23
N MET A 260 4.80 5.98 -23.22
CA MET A 260 5.73 5.21 -22.40
C MET A 260 5.40 3.74 -22.59
N ASP A 261 6.42 2.94 -22.93
CA ASP A 261 6.29 1.51 -22.66
C ASP A 261 7.29 1.07 -21.58
N SER A 262 6.90 0.02 -20.88
CA SER A 262 7.69 -0.44 -19.75
C SER A 262 7.42 -1.91 -19.47
N THR A 263 8.43 -2.59 -18.96
CA THR A 263 8.33 -3.93 -18.43
C THR A 263 7.97 -3.95 -16.95
N TYR A 264 8.10 -2.82 -16.27
CA TYR A 264 8.02 -2.78 -14.82
C TYR A 264 6.58 -2.75 -14.34
N MET A 265 6.36 -3.34 -13.17
CA MET A 265 5.18 -3.00 -12.39
C MET A 265 5.25 -1.53 -12.01
N ALA A 266 4.09 -0.92 -11.80
CA ALA A 266 4.05 0.54 -11.63
C ALA A 266 4.86 1.00 -10.43
N ASP A 267 4.72 0.32 -9.29
CA ASP A 267 5.61 0.57 -8.16
C ASP A 267 7.10 0.37 -8.44
N LYS A 268 7.51 -0.28 -9.52
CA LYS A 268 8.93 -0.34 -9.85
C LYS A 268 9.28 0.53 -11.05
N ASN A 269 8.32 1.32 -11.54
CA ASN A 269 8.57 2.24 -12.63
C ASN A 269 8.96 3.58 -12.02
N PRO A 270 10.23 3.99 -12.10
CA PRO A 270 10.64 5.24 -11.44
C PRO A 270 10.05 6.49 -12.06
N LEU A 271 9.47 6.40 -13.26
CA LEU A 271 9.04 7.58 -13.99
C LEU A 271 7.53 7.74 -14.09
N ILE A 272 6.74 6.75 -13.67
CA ILE A 272 5.30 6.82 -13.91
C ILE A 272 4.64 7.89 -13.04
N GLU A 273 5.09 8.05 -11.79
CA GLU A 273 4.37 8.95 -10.89
C GLU A 273 4.40 10.38 -11.40
N ARG A 274 5.56 10.85 -11.85
CA ARG A 274 5.64 12.19 -12.43
C ARG A 274 5.32 12.20 -13.92
N GLY A 275 5.53 11.08 -14.61
CA GLY A 275 5.34 11.05 -16.05
C GLY A 275 3.92 10.78 -16.51
N ALA A 276 3.11 10.13 -15.68
CA ALA A 276 1.77 9.72 -16.12
C ALA A 276 0.90 10.84 -16.66
N PRO A 277 0.85 12.04 -16.06
CA PRO A 277 -0.01 13.09 -16.63
C PRO A 277 0.41 13.54 -18.03
N TYR A 278 1.62 13.24 -18.47
CA TYR A 278 2.14 13.75 -19.73
C TYR A 278 2.02 12.79 -20.90
N ILE A 279 1.58 11.56 -20.68
CA ILE A 279 1.60 10.54 -21.73
C ILE A 279 0.19 10.32 -22.25
N ASP A 280 0.10 9.99 -23.55
CA ASP A 280 -1.16 9.59 -24.13
C ASP A 280 -1.46 8.12 -23.84
N LEU A 281 -0.47 7.26 -24.00
CA LEU A 281 -0.65 5.82 -23.86
C LEU A 281 0.46 5.24 -22.99
N LEU A 282 0.11 4.16 -22.29
CA LEU A 282 1.10 3.36 -21.55
C LEU A 282 1.08 1.95 -22.12
N LEU A 283 2.22 1.46 -22.56
CA LEU A 283 2.32 0.13 -23.12
C LEU A 283 3.09 -0.73 -22.12
N VAL A 284 2.58 -1.92 -21.82
CA VAL A 284 3.28 -2.86 -20.96
C VAL A 284 3.74 -4.04 -21.81
N GLN A 285 5.04 -4.34 -21.74
CA GLN A 285 5.58 -5.52 -22.41
C GLN A 285 5.37 -6.72 -21.49
N VAL A 286 4.47 -7.62 -21.88
CA VAL A 286 4.14 -8.79 -21.09
C VAL A 286 4.35 -10.07 -21.91
N TYR A 287 5.39 -10.09 -22.75
CA TYR A 287 5.60 -11.24 -23.63
C TYR A 287 5.78 -12.52 -22.82
N GLY A 288 5.33 -13.63 -23.41
CA GLY A 288 5.55 -14.94 -22.85
C GLY A 288 4.54 -15.31 -21.77
N THR A 289 4.61 -16.58 -21.37
CA THR A 289 3.69 -17.11 -20.36
C THR A 289 3.83 -16.41 -19.02
N GLN A 290 5.00 -15.82 -18.73
CA GLN A 290 5.21 -15.16 -17.45
C GLN A 290 4.66 -13.74 -17.47
N GLY A 291 4.66 -13.08 -18.62
CA GLY A 291 3.90 -11.85 -18.73
C GLY A 291 2.41 -12.07 -18.57
N GLU A 292 1.90 -13.18 -19.12
CA GLU A 292 0.47 -13.45 -19.07
C GLU A 292 0.03 -13.85 -17.66
N LYS A 293 0.67 -14.86 -17.08
CA LYS A 293 0.27 -15.38 -15.79
C LYS A 293 0.92 -14.68 -14.61
N GLY A 294 1.90 -13.82 -14.87
CA GLY A 294 2.77 -13.34 -13.82
C GLY A 294 3.87 -14.34 -13.53
N GLY A 295 4.80 -13.91 -12.68
CA GLY A 295 5.76 -14.83 -12.13
C GLY A 295 5.12 -15.73 -11.10
N PHE A 296 5.87 -16.71 -10.61
CA PHE A 296 5.38 -17.63 -9.61
C PHE A 296 6.17 -17.47 -8.32
N ASP A 297 5.45 -17.27 -7.21
CA ASP A 297 6.07 -17.24 -5.90
C ASP A 297 6.30 -18.68 -5.45
N ASN A 298 7.57 -19.09 -5.41
CA ASN A 298 7.89 -20.49 -5.15
C ASN A 298 7.44 -20.91 -3.75
N ALA A 299 7.61 -20.03 -2.76
CA ALA A 299 7.28 -20.38 -1.39
C ALA A 299 5.77 -20.41 -1.16
N ASN A 300 5.08 -19.32 -1.51
CA ASN A 300 3.65 -19.22 -1.27
C ASN A 300 2.81 -19.89 -2.36
N HIS A 301 3.44 -20.35 -3.44
CA HIS A 301 2.75 -21.08 -4.50
C HIS A 301 1.58 -20.27 -5.06
N LYS A 302 1.84 -19.01 -5.36
CA LYS A 302 0.87 -18.12 -5.96
C LYS A 302 1.52 -17.36 -7.11
N ALA A 303 0.69 -16.95 -8.07
CA ALA A 303 1.16 -16.07 -9.11
C ALA A 303 1.40 -14.67 -8.54
N VAL A 304 2.45 -14.01 -9.03
CA VAL A 304 2.74 -12.64 -8.66
C VAL A 304 2.93 -11.84 -9.94
N ASP A 305 2.59 -10.55 -9.88
CA ASP A 305 2.65 -9.65 -11.03
C ASP A 305 1.81 -10.17 -12.19
N THR A 306 0.57 -10.53 -11.89
CA THR A 306 -0.35 -10.99 -12.92
C THR A 306 -0.73 -9.82 -13.83
N MET A 307 -1.40 -10.17 -14.94
CA MET A 307 -1.92 -9.14 -15.83
C MET A 307 -2.87 -8.20 -15.09
N GLU A 308 -3.75 -8.75 -14.26
CA GLU A 308 -4.67 -7.92 -13.48
C GLU A 308 -3.91 -7.06 -12.48
N GLU A 309 -2.95 -7.65 -11.76
CA GLU A 309 -2.19 -6.89 -10.78
C GLU A 309 -1.32 -5.83 -11.44
N ARG A 310 -0.76 -6.12 -12.62
CA ARG A 310 -0.01 -5.11 -13.35
C ARG A 310 -0.89 -3.93 -13.72
N TRP A 311 -2.08 -4.21 -14.26
CA TRP A 311 -2.99 -3.13 -14.61
C TRP A 311 -3.40 -2.33 -13.37
N GLU A 312 -3.73 -3.04 -12.29
CA GLU A 312 -4.15 -2.34 -11.07
C GLU A 312 -3.06 -1.46 -10.51
N SER A 313 -1.79 -1.86 -10.67
CA SER A 313 -0.70 -1.00 -10.24
C SER A 313 -0.66 0.29 -11.04
N TYR A 314 -0.99 0.22 -12.33
CA TYR A 314 -1.00 1.41 -13.17
C TYR A 314 -2.34 2.14 -13.18
N SER A 315 -3.42 1.49 -12.74
CA SER A 315 -4.71 2.17 -12.67
C SER A 315 -4.65 3.38 -11.77
N LYS A 316 -3.65 3.41 -10.87
CA LYS A 316 -3.43 4.54 -9.98
C LYS A 316 -3.09 5.81 -10.74
N TYR A 317 -2.61 5.68 -11.98
CA TYR A 317 -1.94 6.75 -12.71
C TYR A 317 -2.58 7.07 -14.05
N ILE A 318 -3.22 6.10 -14.71
CA ILE A 318 -3.74 6.27 -16.06
C ILE A 318 -5.15 5.69 -16.13
N ARG A 319 -5.88 6.11 -17.16
CA ARG A 319 -7.19 5.55 -17.46
C ARG A 319 -7.04 4.22 -18.19
N PRO A 320 -8.04 3.33 -18.09
CA PRO A 320 -7.94 2.04 -18.79
C PRO A 320 -7.77 2.17 -20.29
N GLU A 321 -8.42 3.15 -20.92
CA GLU A 321 -8.30 3.30 -22.37
C GLU A 321 -6.91 3.75 -22.79
N GLN A 322 -6.04 4.13 -21.86
CA GLN A 322 -4.64 4.42 -22.16
C GLN A 322 -3.75 3.19 -22.10
N TYR A 323 -4.29 2.05 -21.66
CA TYR A 323 -3.50 0.86 -21.37
C TYR A 323 -3.46 -0.06 -22.58
N MET A 324 -2.25 -0.43 -23.01
CA MET A 324 -2.06 -1.39 -24.09
C MET A 324 -1.07 -2.45 -23.64
N VAL A 325 -1.32 -3.70 -24.02
CA VAL A 325 -0.47 -4.81 -23.61
C VAL A 325 0.17 -5.43 -24.85
N GLY A 326 1.38 -5.95 -24.67
CA GLY A 326 2.20 -6.37 -25.80
C GLY A 326 2.57 -7.84 -25.78
N PHE A 327 2.60 -8.45 -26.96
CA PHE A 327 3.17 -9.76 -27.20
C PHE A 327 4.28 -9.63 -28.23
N SER A 328 4.98 -10.72 -28.49
CA SER A 328 6.11 -10.72 -29.41
C SER A 328 5.92 -11.77 -30.50
N PHE A 329 6.27 -11.41 -31.72
CA PHE A 329 6.46 -12.39 -32.77
C PHE A 329 7.79 -13.11 -32.57
N TYR A 330 8.04 -14.15 -33.36
CA TYR A 330 9.25 -14.93 -33.22
C TYR A 330 10.38 -14.27 -34.01
N GLU A 331 11.39 -13.78 -33.30
CA GLU A 331 12.55 -13.19 -33.94
C GLU A 331 13.50 -14.27 -34.43
N GLU A 332 14.06 -14.05 -35.62
CA GLU A 332 14.93 -15.05 -36.22
C GLU A 332 16.17 -15.29 -35.35
N LYS A 333 16.54 -16.56 -35.22
CA LYS A 333 17.76 -16.97 -34.52
C LYS A 333 17.78 -16.50 -33.07
N ALA A 334 16.62 -16.48 -32.44
CA ALA A 334 16.50 -16.04 -31.06
C ALA A 334 17.09 -17.07 -30.10
N ASN A 335 17.82 -16.57 -29.10
CA ASN A 335 18.34 -17.40 -28.03
C ASN A 335 17.22 -17.76 -27.05
N SER A 336 17.54 -18.67 -26.14
CA SER A 336 16.72 -18.82 -24.94
C SER A 336 16.74 -17.50 -24.16
N GLY A 337 15.66 -17.25 -23.43
CA GLY A 337 15.44 -15.94 -22.86
C GLY A 337 14.87 -14.94 -23.85
N ASN A 338 14.81 -15.28 -25.13
CA ASN A 338 14.11 -14.50 -26.14
C ASN A 338 13.14 -15.37 -26.93
N LEU A 339 12.63 -16.43 -26.30
CA LEU A 339 11.62 -17.31 -26.88
C LEU A 339 10.34 -17.14 -26.08
N TRP A 340 9.32 -16.57 -26.70
CA TRP A 340 8.11 -16.20 -25.98
C TRP A 340 6.90 -17.08 -26.27
N TYR A 341 6.86 -17.76 -27.42
CA TYR A 341 5.76 -18.64 -27.76
C TYR A 341 4.42 -17.90 -27.72
N ASP A 342 4.43 -16.65 -28.18
CA ASP A 342 3.21 -15.83 -28.20
C ASP A 342 2.36 -16.09 -29.44
N VAL A 343 2.93 -16.66 -30.48
CA VAL A 343 2.18 -17.03 -31.68
C VAL A 343 2.27 -18.55 -31.84
N ASN A 344 1.62 -19.08 -32.88
CA ASN A 344 1.50 -20.53 -33.02
C ASN A 344 2.84 -21.19 -33.28
N VAL A 345 3.06 -22.32 -32.60
CA VAL A 345 4.23 -23.15 -32.86
C VAL A 345 4.08 -23.83 -34.21
N GLU A 346 5.20 -23.97 -34.92
CA GLU A 346 5.16 -24.51 -36.27
C GLU A 346 4.57 -25.91 -36.30
N ASP A 347 3.95 -26.25 -37.42
CA ASP A 347 3.50 -27.62 -37.68
C ASP A 347 3.73 -27.92 -39.15
N ASP A 348 4.45 -29.01 -39.41
CA ASP A 348 4.79 -29.40 -40.77
C ASP A 348 3.54 -29.57 -41.64
N THR A 349 2.49 -30.13 -41.07
CA THR A 349 1.28 -30.47 -41.82
C THR A 349 0.37 -29.26 -42.06
N ASN A 350 0.69 -28.10 -41.49
CA ASN A 350 -0.04 -26.87 -41.78
C ASN A 350 0.98 -25.74 -41.90
N PRO A 351 1.44 -25.44 -43.11
CA PRO A 351 2.44 -24.36 -43.27
C PRO A 351 1.92 -22.97 -42.98
N ASN A 352 0.61 -22.79 -42.81
CA ASN A 352 0.02 -21.48 -42.52
C ASN A 352 -0.26 -21.25 -41.05
N ILE A 353 0.05 -22.22 -40.17
CA ILE A 353 -0.39 -22.12 -38.79
C ILE A 353 0.15 -20.88 -38.10
N GLY A 354 1.28 -20.34 -38.58
CA GLY A 354 1.81 -19.11 -37.99
C GLY A 354 0.94 -17.89 -38.25
N SER A 355 0.12 -17.92 -39.30
CA SER A 355 -0.79 -16.82 -39.59
C SER A 355 -2.17 -16.99 -38.95
N GLU A 356 -2.43 -18.14 -38.35
CA GLU A 356 -3.65 -18.31 -37.57
C GLU A 356 -3.43 -17.80 -36.16
N ILE A 357 -4.49 -17.24 -35.57
CA ILE A 357 -4.37 -16.56 -34.30
C ILE A 357 -5.22 -17.19 -33.19
N LYS A 358 -6.18 -18.04 -33.53
CA LYS A 358 -7.12 -18.56 -32.54
C LYS A 358 -6.39 -19.30 -31.43
N GLY A 359 -6.61 -18.87 -30.19
CA GLY A 359 -6.05 -19.53 -29.03
C GLY A 359 -4.63 -19.16 -28.71
N THR A 360 -3.96 -18.36 -29.53
CA THR A 360 -2.62 -17.90 -29.20
C THR A 360 -2.68 -16.93 -28.01
N ARG A 361 -1.53 -16.74 -27.38
CA ARG A 361 -1.43 -15.71 -26.35
C ARG A 361 -1.75 -14.33 -26.94
N ALA A 362 -1.39 -14.11 -28.20
CA ALA A 362 -1.70 -12.84 -28.85
C ALA A 362 -3.19 -12.59 -28.89
N GLU A 363 -3.98 -13.59 -29.27
CA GLU A 363 -5.43 -13.41 -29.30
C GLU A 363 -6.01 -13.27 -27.91
N ARG A 364 -5.44 -13.99 -26.93
CA ARG A 364 -5.88 -13.82 -25.55
C ARG A 364 -5.65 -12.39 -25.08
N TYR A 365 -4.52 -11.80 -25.46
CA TYR A 365 -4.27 -10.40 -25.13
C TYR A 365 -5.25 -9.48 -25.83
N ALA A 366 -5.58 -9.78 -27.09
CA ALA A 366 -6.57 -8.98 -27.81
C ALA A 366 -7.91 -8.98 -27.09
N LYS A 367 -8.33 -10.14 -26.58
CA LYS A 367 -9.61 -10.27 -25.91
C LYS A 367 -9.59 -9.86 -24.45
N TRP A 368 -8.42 -9.81 -23.82
CA TRP A 368 -8.35 -9.56 -22.39
C TRP A 368 -8.83 -8.16 -22.05
N GLN A 369 -9.54 -8.04 -20.93
CA GLN A 369 -9.99 -6.76 -20.41
C GLN A 369 -9.81 -6.76 -18.89
N PRO A 370 -9.47 -5.61 -18.31
CA PRO A 370 -9.46 -5.51 -16.85
C PRO A 370 -10.85 -5.75 -16.29
N LYS A 371 -10.89 -6.22 -15.04
CA LYS A 371 -12.17 -6.54 -14.43
C LYS A 371 -12.89 -5.31 -13.88
N THR A 372 -12.17 -4.22 -13.63
CA THR A 372 -12.77 -2.97 -13.17
C THR A 372 -12.10 -1.81 -13.89
N GLY A 373 -12.74 -0.65 -13.83
CA GLY A 373 -12.26 0.55 -14.48
C GLY A 373 -12.84 0.77 -15.86
N GLY A 374 -12.48 -0.07 -16.82
CA GLY A 374 -12.99 0.09 -18.17
C GLY A 374 -12.21 -0.77 -19.14
N VAL A 375 -12.57 -0.65 -20.41
CA VAL A 375 -11.90 -1.40 -21.45
C VAL A 375 -10.51 -0.80 -21.71
N LYS A 376 -9.59 -1.64 -22.15
CA LYS A 376 -8.21 -1.22 -22.37
C LYS A 376 -8.07 -0.52 -23.72
N GLY A 377 -6.90 0.10 -23.93
CA GLY A 377 -6.66 0.82 -25.16
C GLY A 377 -6.43 -0.08 -26.35
N GLY A 378 -5.84 -1.23 -26.14
CA GLY A 378 -5.56 -2.15 -27.23
C GLY A 378 -4.34 -3.00 -26.92
N ILE A 379 -3.70 -3.49 -27.99
CA ILE A 379 -2.54 -4.36 -27.89
C ILE A 379 -1.49 -3.92 -28.90
N PHE A 380 -0.26 -4.40 -28.70
CA PHE A 380 0.83 -4.16 -29.64
C PHE A 380 1.69 -5.40 -29.75
N SER A 381 2.45 -5.47 -30.85
CA SER A 381 3.35 -6.59 -31.13
C SER A 381 4.78 -6.08 -31.24
N TYR A 382 5.73 -6.89 -30.79
CA TYR A 382 7.14 -6.61 -31.06
C TYR A 382 7.60 -7.43 -32.26
N GLY A 383 8.37 -6.79 -33.13
CA GLY A 383 8.86 -7.44 -34.33
C GLY A 383 7.76 -7.76 -35.33
N ILE A 384 6.95 -6.76 -35.66
CA ILE A 384 5.82 -6.97 -36.57
C ILE A 384 6.29 -7.37 -37.97
N ASP A 385 7.56 -7.12 -38.30
CA ASP A 385 8.08 -7.59 -39.57
C ASP A 385 8.16 -9.11 -39.66
N ARG A 386 8.01 -9.81 -38.53
CA ARG A 386 8.00 -11.26 -38.49
C ARG A 386 6.58 -11.82 -38.41
N ASP A 387 5.57 -10.99 -38.66
CA ASP A 387 4.19 -11.43 -38.67
C ASP A 387 3.99 -12.59 -39.64
N GLY A 388 3.41 -13.67 -39.15
CA GLY A 388 3.13 -14.85 -39.95
C GLY A 388 4.10 -15.99 -39.76
N VAL A 389 5.31 -15.72 -39.28
CA VAL A 389 6.27 -16.78 -39.04
C VAL A 389 5.84 -17.57 -37.82
N ALA A 390 5.80 -18.89 -37.95
CA ALA A 390 5.46 -19.73 -36.81
C ALA A 390 6.64 -19.80 -35.84
N HIS A 391 6.33 -20.13 -34.60
CA HIS A 391 7.34 -20.24 -33.56
C HIS A 391 7.99 -21.63 -33.61
N PRO A 392 9.31 -21.71 -33.41
CA PRO A 392 9.96 -23.02 -33.35
C PRO A 392 9.51 -23.81 -32.13
N LYS A 393 9.53 -25.14 -32.27
CA LYS A 393 9.00 -25.99 -31.21
C LYS A 393 9.92 -26.02 -30.00
N LYS A 394 9.31 -26.06 -28.80
CA LYS A 394 10.06 -26.02 -27.56
C LYS A 394 10.99 -27.23 -27.47
N ASN A 395 10.38 -28.41 -27.41
CA ASN A 395 11.05 -29.71 -27.39
C ASN A 395 10.81 -30.35 -28.75
N GLY A 396 11.78 -30.22 -29.63
CA GLY A 396 11.72 -30.82 -30.94
C GLY A 396 12.97 -30.52 -31.73
N PRO A 397 13.24 -31.32 -32.77
CA PRO A 397 14.42 -31.06 -33.60
C PRO A 397 14.33 -29.70 -34.27
N LYS A 398 15.50 -29.17 -34.64
CA LYS A 398 15.59 -27.81 -35.12
C LYS A 398 14.84 -27.65 -36.44
N THR A 399 14.24 -26.47 -36.62
CA THR A 399 13.65 -26.01 -37.87
C THR A 399 14.30 -24.70 -38.27
N PRO A 400 15.49 -24.76 -38.90
CA PRO A 400 16.16 -23.54 -39.36
C PRO A 400 15.42 -22.82 -40.48
N ASP A 401 14.36 -23.41 -41.03
CA ASP A 401 13.57 -22.72 -42.04
C ASP A 401 12.81 -21.55 -41.45
N LEU A 402 12.44 -21.62 -40.17
CA LEU A 402 11.74 -20.51 -39.54
C LEU A 402 12.62 -19.28 -39.38
N ASP A 403 13.94 -19.45 -39.41
CA ASP A 403 14.86 -18.32 -39.31
C ASP A 403 15.05 -17.60 -40.62
N LYS A 404 14.57 -18.15 -41.73
CA LYS A 404 14.64 -17.46 -43.01
C LYS A 404 13.80 -16.18 -42.96
N ILE A 405 14.28 -15.15 -43.62
CA ILE A 405 13.57 -13.87 -43.69
C ILE A 405 12.64 -13.91 -44.90
N VAL A 406 11.34 -13.77 -44.65
CA VAL A 406 10.34 -13.72 -45.71
C VAL A 406 9.56 -12.42 -45.55
N LYS A 407 9.01 -11.95 -46.65
CA LYS A 407 8.15 -10.78 -46.61
C LYS A 407 6.80 -11.14 -46.00
N SER A 408 6.39 -10.35 -45.01
CA SER A 408 5.16 -10.59 -44.27
C SER A 408 3.97 -9.99 -44.98
N ASP A 409 2.83 -10.63 -44.81
CA ASP A 409 1.54 -10.08 -45.24
C ASP A 409 0.75 -9.50 -44.08
N TYR A 410 1.31 -9.53 -42.86
CA TYR A 410 0.69 -8.93 -41.69
C TYR A 410 -0.72 -9.49 -41.45
N LYS A 411 -0.87 -10.79 -41.68
CA LYS A 411 -2.16 -11.43 -41.49
C LYS A 411 -2.52 -11.54 -40.02
N VAL A 412 -1.54 -11.82 -39.16
CA VAL A 412 -1.80 -11.88 -37.72
C VAL A 412 -2.29 -10.53 -37.22
N SER A 413 -1.60 -9.46 -37.65
CA SER A 413 -1.96 -8.11 -37.21
C SER A 413 -3.36 -7.74 -37.67
N LYS A 414 -3.70 -8.05 -38.93
CA LYS A 414 -5.03 -7.75 -39.44
C LYS A 414 -6.11 -8.47 -38.64
N ALA A 415 -5.90 -9.75 -38.35
CA ALA A 415 -6.91 -10.53 -37.65
C ALA A 415 -7.05 -10.11 -36.19
N LEU A 416 -5.94 -9.77 -35.54
CA LEU A 416 -6.01 -9.33 -34.16
C LEU A 416 -6.78 -8.02 -34.03
N LYS A 417 -6.56 -7.08 -34.94
CA LYS A 417 -7.33 -5.84 -34.94
C LYS A 417 -8.81 -6.11 -35.10
N LYS A 418 -9.16 -7.03 -36.00
CA LYS A 418 -10.57 -7.34 -36.22
C LYS A 418 -11.18 -8.08 -35.04
N VAL A 419 -10.38 -8.87 -34.31
CA VAL A 419 -10.89 -9.53 -33.11
C VAL A 419 -11.34 -8.51 -32.08
N MET A 420 -10.53 -7.47 -31.86
CA MET A 420 -10.87 -6.45 -30.88
C MET A 420 -12.01 -5.57 -31.38
N GLU A 421 -12.00 -5.23 -32.69
CA GLU A 421 -13.05 -4.37 -33.21
C GLU A 421 -14.42 -5.05 -33.22
N ASN A 422 -14.43 -6.38 -33.27
CA ASN A 422 -15.68 -7.15 -33.27
C ASN A 422 -16.05 -7.67 -31.89
N ASP A 423 -15.32 -7.26 -30.85
CA ASP A 423 -15.59 -7.74 -29.49
C ASP A 423 -16.76 -6.99 -28.87
N LYS A 424 -17.55 -7.70 -28.07
CA LYS A 424 -18.68 -7.09 -27.37
C LYS A 424 -18.24 -5.90 -26.54
N SER A 425 -17.00 -5.92 -26.04
CA SER A 425 -16.54 -4.89 -25.12
C SER A 425 -16.50 -3.52 -25.78
N TYR A 426 -16.19 -3.48 -27.08
CA TYR A 426 -16.06 -2.23 -27.80
C TYR A 426 -17.32 -1.87 -28.58
N GLU A 427 -18.40 -2.62 -28.39
CA GLU A 427 -19.71 -2.19 -28.89
C GLU A 427 -20.07 -0.84 -28.27
N LEU A 428 -20.65 0.03 -29.08
CA LEU A 428 -20.98 1.38 -28.63
C LEU A 428 -22.27 1.38 -27.81
N ILE A 429 -22.27 2.21 -26.76
CA ILE A 429 -23.47 2.40 -25.97
C ILE A 429 -24.49 3.17 -26.79
N ASP A 430 -25.65 2.56 -27.04
CA ASP A 430 -26.65 3.20 -27.88
C ASP A 430 -28.01 3.27 -27.20
N GLN A 431 -29.02 3.62 -27.98
CA GLN A 431 -30.38 3.80 -27.49
C GLN A 431 -30.97 2.50 -26.92
N LYS A 432 -30.51 1.34 -27.42
CA LYS A 432 -30.96 0.07 -26.83
C LYS A 432 -30.60 0.00 -25.35
N ASP A 433 -29.50 0.65 -24.95
CA ASP A 433 -29.05 0.61 -23.56
C ASP A 433 -29.73 1.68 -22.71
N PHE A 434 -29.72 2.93 -23.17
CA PHE A 434 -30.34 4.05 -22.44
C PHE A 434 -31.23 4.83 -23.39
N PRO A 435 -32.54 4.53 -23.43
CA PRO A 435 -33.43 5.25 -24.35
C PRO A 435 -33.46 6.75 -24.12
N ASP A 436 -33.39 7.19 -22.87
CA ASP A 436 -33.39 8.63 -22.57
C ASP A 436 -32.06 9.21 -22.99
N LYS A 437 -32.07 10.03 -24.05
CA LYS A 437 -30.82 10.55 -24.59
C LYS A 437 -30.07 11.40 -23.57
N ALA A 438 -30.80 12.11 -22.71
CA ALA A 438 -30.16 12.90 -21.68
C ALA A 438 -29.39 12.01 -20.70
N LEU A 439 -30.00 10.88 -20.34
CA LEU A 439 -29.28 9.89 -19.55
C LEU A 439 -28.18 9.23 -20.36
N ARG A 440 -28.46 8.89 -21.62
CA ARG A 440 -27.48 8.23 -22.46
C ARG A 440 -26.24 9.10 -22.66
N GLU A 441 -26.43 10.41 -22.79
CA GLU A 441 -25.30 11.33 -22.98
C GLU A 441 -24.52 11.50 -21.68
N ALA A 442 -25.20 11.41 -20.54
CA ALA A 442 -24.51 11.51 -19.25
C ALA A 442 -23.64 10.29 -19.00
N VAL A 443 -24.13 9.09 -19.36
CA VAL A 443 -23.35 7.88 -19.16
C VAL A 443 -22.13 7.87 -20.08
N ILE A 444 -22.32 8.21 -21.35
CA ILE A 444 -21.21 8.23 -22.31
C ILE A 444 -20.15 9.22 -21.87
N ALA A 445 -20.58 10.40 -21.39
CA ALA A 445 -19.64 11.41 -20.94
C ALA A 445 -18.83 10.93 -19.73
N GLN A 446 -19.47 10.23 -18.81
CA GLN A 446 -18.84 9.89 -17.53
C GLN A 446 -18.32 8.46 -17.44
N VAL A 447 -18.96 7.52 -18.12
CA VAL A 447 -18.64 6.10 -17.95
C VAL A 447 -17.78 5.63 -19.11
N GLY A 448 -18.04 6.17 -20.29
CA GLY A 448 -17.35 5.75 -21.49
C GLY A 448 -18.32 5.40 -22.60
N SER A 449 -17.86 5.45 -23.85
CA SER A 449 -18.73 5.23 -24.99
C SER A 449 -18.97 3.74 -25.28
N ARG A 450 -18.26 2.84 -24.60
CA ARG A 450 -18.29 1.42 -24.94
C ARG A 450 -19.09 0.63 -23.93
N ARG A 451 -19.82 -0.37 -24.42
CA ARG A 451 -20.62 -1.22 -23.54
C ARG A 451 -19.77 -1.94 -22.51
N GLY A 452 -18.51 -2.22 -22.84
CA GLY A 452 -17.61 -2.86 -21.89
C GLY A 452 -17.39 -2.04 -20.64
N ASN A 453 -17.59 -0.72 -20.70
CA ASN A 453 -17.43 0.12 -19.53
C ASN A 453 -18.60 0.00 -18.56
N LEU A 454 -19.81 -0.25 -19.07
CA LEU A 454 -20.95 -0.51 -18.19
C LEU A 454 -20.65 -1.69 -17.27
N GLU A 455 -20.02 -2.74 -17.81
CA GLU A 455 -19.67 -3.92 -17.03
C GLU A 455 -18.57 -3.64 -16.00
N ARG A 456 -17.78 -2.59 -16.20
CA ARG A 456 -16.54 -2.46 -15.43
C ARG A 456 -16.40 -1.15 -14.65
N PHE A 457 -17.08 -0.09 -15.09
CA PHE A 457 -16.76 1.23 -14.56
C PHE A 457 -16.91 1.28 -13.04
N ASN A 458 -15.93 1.91 -12.41
CA ASN A 458 -15.62 1.71 -11.00
C ASN A 458 -15.77 2.97 -10.16
N GLY A 459 -16.20 4.08 -10.74
CA GLY A 459 -16.22 5.34 -10.03
C GLY A 459 -17.60 5.91 -9.76
N THR A 460 -17.80 7.16 -10.15
CA THR A 460 -19.00 7.91 -9.82
C THR A 460 -19.75 8.28 -11.10
N LEU A 461 -21.05 8.05 -11.09
CA LEU A 461 -21.95 8.54 -12.14
C LEU A 461 -22.89 9.56 -11.51
N ARG A 462 -22.72 10.82 -11.86
CA ARG A 462 -23.56 11.90 -11.35
C ARG A 462 -24.62 12.22 -12.39
N LEU A 463 -25.89 12.07 -12.01
CA LEU A 463 -27.02 12.38 -12.87
C LEU A 463 -27.69 13.63 -12.29
N ASP A 464 -27.42 14.79 -12.89
CA ASP A 464 -27.98 16.04 -12.42
C ASP A 464 -28.66 16.85 -13.52
N ASN A 465 -28.85 16.28 -14.70
CA ASN A 465 -29.55 16.99 -15.77
C ASN A 465 -31.05 16.77 -15.57
N PRO A 466 -31.82 17.80 -15.25
CA PRO A 466 -33.26 17.59 -14.97
C PRO A 466 -34.05 17.10 -16.17
N ASP A 467 -33.46 17.04 -17.36
CA ASP A 467 -34.14 16.58 -18.55
C ASP A 467 -34.32 15.07 -18.60
N ILE A 468 -33.71 14.32 -17.68
CA ILE A 468 -33.78 12.87 -17.72
C ILE A 468 -35.18 12.44 -17.27
N LYS A 469 -35.98 11.92 -18.20
CA LYS A 469 -37.33 11.47 -17.92
C LYS A 469 -37.42 9.97 -17.64
N SER A 470 -36.30 9.24 -17.71
CA SER A 470 -36.32 7.80 -17.49
C SER A 470 -34.91 7.34 -17.14
N LEU A 471 -34.83 6.49 -16.13
CA LEU A 471 -33.57 5.86 -15.74
C LEU A 471 -33.45 4.45 -16.29
N GLU A 472 -34.26 4.09 -17.29
CA GLU A 472 -34.17 2.78 -17.91
C GLU A 472 -32.76 2.56 -18.45
N GLY A 473 -32.18 1.41 -18.09
CA GLY A 473 -30.83 1.07 -18.49
C GLY A 473 -29.80 1.14 -17.37
N LEU A 474 -30.12 1.79 -16.24
CA LEU A 474 -29.16 1.86 -15.15
C LEU A 474 -28.81 0.48 -14.59
N ASN A 475 -29.67 -0.52 -14.80
CA ASN A 475 -29.35 -1.87 -14.34
C ASN A 475 -28.17 -2.47 -15.08
N LYS A 476 -27.78 -1.90 -16.23
CA LYS A 476 -26.63 -2.39 -16.97
C LYS A 476 -25.30 -2.02 -16.32
N LEU A 477 -25.30 -1.06 -15.39
CA LEU A 477 -24.09 -0.72 -14.65
C LEU A 477 -23.86 -1.74 -13.56
N LYS A 478 -22.72 -2.43 -13.61
CA LYS A 478 -22.49 -3.59 -12.76
C LYS A 478 -21.59 -3.31 -11.56
N LYS A 479 -20.68 -2.33 -11.66
CA LYS A 479 -19.65 -2.15 -10.63
C LYS A 479 -19.54 -0.71 -10.15
N LEU A 480 -20.53 0.14 -10.41
CA LEU A 480 -20.48 1.54 -10.03
C LEU A 480 -20.20 1.70 -8.54
N ALA A 481 -19.29 2.61 -8.20
CA ALA A 481 -19.00 2.88 -6.80
C ALA A 481 -19.98 3.87 -6.19
N LYS A 482 -20.46 4.83 -6.98
CA LYS A 482 -21.38 5.83 -6.44
C LYS A 482 -22.32 6.31 -7.53
N LEU A 483 -23.62 6.28 -7.25
CA LEU A 483 -24.65 6.87 -8.09
C LEU A 483 -25.23 8.06 -7.35
N GLU A 484 -25.16 9.23 -7.98
CA GLU A 484 -25.72 10.46 -7.43
C GLU A 484 -26.89 10.90 -8.30
N LEU A 485 -28.09 10.90 -7.73
CA LEU A 485 -29.30 11.35 -8.40
C LEU A 485 -29.67 12.70 -7.83
N ILE A 486 -29.46 13.77 -8.61
CA ILE A 486 -29.60 15.14 -8.14
C ILE A 486 -30.61 15.86 -9.03
N GLY A 487 -31.63 16.45 -8.40
CA GLY A 487 -32.52 17.36 -9.08
C GLY A 487 -33.29 16.78 -10.25
N LEU A 488 -33.50 15.47 -10.27
CA LEU A 488 -34.21 14.81 -11.37
C LEU A 488 -35.71 14.93 -11.09
N SER A 489 -36.28 16.05 -11.53
CA SER A 489 -37.66 16.39 -11.17
C SER A 489 -38.66 15.37 -11.67
N GLN A 490 -38.42 14.80 -12.84
CA GLN A 490 -39.43 14.06 -13.58
C GLN A 490 -39.30 12.55 -13.42
N ILE A 491 -38.56 12.10 -12.41
CA ILE A 491 -38.47 10.68 -12.06
C ILE A 491 -39.47 10.41 -10.95
N THR A 492 -40.37 9.45 -11.19
CA THR A 492 -41.45 9.17 -10.25
C THR A 492 -41.19 7.95 -9.37
N LYS A 493 -40.39 6.99 -9.85
CA LYS A 493 -40.22 5.72 -9.16
C LYS A 493 -38.76 5.31 -9.19
N LEU A 494 -38.31 4.68 -8.09
CA LEU A 494 -36.97 4.12 -7.99
C LEU A 494 -37.07 2.71 -7.43
N ASP A 495 -36.71 1.71 -8.24
CA ASP A 495 -36.60 0.34 -7.76
C ASP A 495 -35.46 -0.32 -8.53
N SER A 496 -35.33 -1.64 -8.36
CA SER A 496 -34.18 -2.37 -8.90
C SER A 496 -34.10 -2.34 -10.41
N SER A 497 -35.22 -2.08 -11.10
CA SER A 497 -35.21 -2.03 -12.55
C SER A 497 -34.62 -0.75 -13.12
N VAL A 498 -34.44 0.29 -12.29
CA VAL A 498 -33.90 1.56 -12.74
C VAL A 498 -32.71 1.96 -11.88
N LEU A 499 -32.08 0.98 -11.24
CA LEU A 499 -30.95 1.18 -10.36
C LEU A 499 -29.82 0.26 -10.78
N PRO A 500 -28.57 0.58 -10.43
CA PRO A 500 -27.47 -0.31 -10.77
C PRO A 500 -27.63 -1.70 -10.19
N GLU A 501 -27.07 -2.68 -10.91
CA GLU A 501 -27.15 -4.09 -10.55
C GLU A 501 -26.46 -4.36 -9.21
N ASN A 502 -25.46 -3.55 -8.85
CA ASN A 502 -24.79 -3.66 -7.56
C ASN A 502 -25.39 -2.74 -6.49
N ILE A 503 -26.67 -2.37 -6.64
CA ILE A 503 -27.39 -1.79 -5.51
C ILE A 503 -27.50 -2.83 -4.39
N LYS A 504 -27.50 -4.10 -4.76
CA LYS A 504 -27.55 -5.25 -3.87
C LYS A 504 -26.25 -6.04 -4.00
N PRO A 505 -25.94 -6.91 -3.04
CA PRO A 505 -24.70 -7.70 -3.16
C PRO A 505 -24.68 -8.53 -4.42
N THR A 506 -23.57 -8.46 -5.15
CA THR A 506 -23.37 -9.20 -6.38
C THR A 506 -21.93 -9.69 -6.45
N LYS A 507 -21.72 -10.76 -7.21
CA LYS A 507 -20.39 -11.29 -7.46
C LYS A 507 -19.96 -10.96 -8.89
N ASP A 508 -18.66 -10.79 -9.08
CA ASP A 508 -18.14 -10.53 -10.41
C ASP A 508 -18.48 -11.68 -11.34
N THR A 509 -19.02 -11.35 -12.51
CA THR A 509 -19.41 -12.35 -13.49
C THR A 509 -18.49 -12.39 -14.71
N LEU A 510 -17.56 -11.45 -14.82
CA LEU A 510 -16.62 -11.46 -15.94
C LEU A 510 -15.64 -12.62 -15.77
N VAL A 511 -15.43 -13.37 -16.85
CA VAL A 511 -14.49 -14.49 -16.86
C VAL A 511 -13.22 -14.05 -17.59
N SER A 512 -12.07 -14.31 -16.96
CA SER A 512 -10.80 -13.99 -17.59
C SER A 512 -10.50 -14.98 -18.71
N VAL A 513 -9.94 -14.46 -19.81
CA VAL A 513 -9.57 -15.30 -20.94
C VAL A 513 -8.12 -15.78 -20.85
N LEU A 514 -7.42 -15.48 -19.78
CA LEU A 514 -6.01 -15.80 -19.66
C LEU A 514 -5.80 -17.16 -19.04
N GLU A 515 -4.72 -17.81 -19.47
CA GLU A 515 -4.27 -19.01 -18.78
C GLU A 515 -3.81 -18.64 -17.38
N THR A 516 -4.01 -19.57 -16.45
CA THR A 516 -3.55 -19.39 -15.08
C THR A 516 -2.49 -20.44 -14.79
N TYR A 517 -2.00 -20.42 -13.55
CA TYR A 517 -0.96 -21.36 -13.16
C TYR A 517 -1.59 -22.69 -12.83
N LYS A 518 -1.34 -23.65 -13.70
CA LYS A 518 -1.52 -25.07 -13.49
C LYS A 518 -1.00 -25.46 -12.11
N ASN A 519 0.08 -24.83 -11.67
CA ASN A 519 0.68 -25.05 -10.35
C ASN A 519 0.11 -24.13 -9.28
N ASP A 520 -1.06 -23.53 -9.52
CA ASP A 520 -1.74 -22.70 -8.53
C ASP A 520 -3.13 -23.19 -8.20
N ASP A 521 -3.80 -23.89 -9.12
CA ASP A 521 -5.21 -24.27 -8.96
C ASP A 521 -6.06 -23.07 -8.56
N ARG A 522 -5.95 -22.01 -9.37
CA ARG A 522 -6.55 -20.72 -9.05
C ARG A 522 -7.85 -20.56 -9.81
N LYS A 523 -8.97 -20.76 -9.10
CA LYS A 523 -10.29 -20.43 -9.59
C LYS A 523 -11.10 -19.78 -8.47
N GLU A 524 -10.51 -18.76 -7.84
CA GLU A 524 -11.18 -18.06 -6.75
C GLU A 524 -12.57 -17.63 -7.18
N GLU A 525 -13.56 -17.92 -6.35
CA GLU A 525 -14.97 -17.82 -6.75
C GLU A 525 -15.42 -16.36 -6.73
N ALA A 526 -15.23 -15.67 -7.85
CA ALA A 526 -16.09 -14.56 -8.26
C ALA A 526 -16.19 -13.47 -7.17
N LYS A 527 -15.09 -12.70 -7.07
CA LYS A 527 -14.96 -11.66 -6.05
C LYS A 527 -16.26 -10.90 -5.85
N ALA A 528 -16.52 -10.52 -4.61
CA ALA A 528 -17.68 -9.68 -4.31
C ALA A 528 -17.49 -8.29 -4.90
N ILE A 529 -18.54 -7.77 -5.52
CA ILE A 529 -18.56 -6.41 -6.02
C ILE A 529 -19.03 -5.49 -4.90
N PRO A 530 -18.26 -4.47 -4.50
CA PRO A 530 -18.76 -3.52 -3.51
C PRO A 530 -20.01 -2.80 -4.02
N GLN A 531 -20.95 -2.58 -3.12
CA GLN A 531 -22.24 -2.02 -3.50
C GLN A 531 -22.12 -0.53 -3.81
N VAL A 532 -22.99 -0.07 -4.70
CA VAL A 532 -22.99 1.34 -5.09
C VAL A 532 -23.50 2.20 -3.94
N ALA A 533 -22.79 3.28 -3.65
CA ALA A 533 -23.30 4.29 -2.73
C ALA A 533 -24.33 5.13 -3.46
N LEU A 534 -25.47 5.36 -2.81
CA LEU A 534 -26.61 6.01 -3.45
C LEU A 534 -26.86 7.37 -2.80
N THR A 535 -26.85 8.41 -3.63
CA THR A 535 -27.22 9.76 -3.21
C THR A 535 -28.48 10.17 -3.96
N ILE A 536 -29.49 10.60 -3.22
CA ILE A 536 -30.76 11.05 -3.79
C ILE A 536 -31.08 12.41 -3.18
N SER A 537 -31.04 13.45 -4.00
CA SER A 537 -31.30 14.81 -3.53
C SER A 537 -32.05 15.58 -4.61
N GLY A 538 -33.18 16.18 -4.23
CA GLY A 538 -33.91 17.03 -5.14
C GLY A 538 -34.81 16.32 -6.13
N LEU A 539 -35.13 15.05 -5.90
CA LEU A 539 -36.10 14.33 -6.74
C LEU A 539 -37.49 14.68 -6.25
N THR A 540 -37.95 15.87 -6.61
CA THR A 540 -39.19 16.42 -6.08
C THR A 540 -40.42 15.72 -6.63
N GLY A 541 -40.29 14.96 -7.71
CA GLY A 541 -41.37 14.16 -8.24
C GLY A 541 -41.34 12.70 -7.86
N LEU A 542 -40.42 12.30 -6.99
CA LEU A 542 -40.30 10.89 -6.61
C LEU A 542 -41.45 10.48 -5.70
N LYS A 543 -42.29 9.58 -6.18
CA LYS A 543 -43.43 9.11 -5.39
C LYS A 543 -43.21 7.73 -4.77
N GLU A 544 -42.34 6.91 -5.35
CA GLU A 544 -42.11 5.56 -4.87
C GLU A 544 -40.61 5.30 -4.74
N LEU A 545 -40.19 4.89 -3.55
CA LEU A 545 -38.79 4.57 -3.26
C LEU A 545 -38.74 3.15 -2.70
N ASN A 546 -38.37 2.18 -3.54
CA ASN A 546 -38.36 0.77 -3.17
C ASN A 546 -36.92 0.27 -3.18
N LEU A 547 -36.30 0.21 -2.01
CA LEU A 547 -34.97 -0.36 -1.84
C LEU A 547 -35.00 -1.65 -1.03
N ALA A 548 -36.09 -2.41 -1.14
CA ALA A 548 -36.27 -3.59 -0.31
C ALA A 548 -35.35 -4.72 -0.75
N GLY A 549 -34.75 -5.39 0.22
CA GLY A 549 -33.98 -6.59 -0.03
C GLY A 549 -32.62 -6.39 -0.65
N PHE A 550 -32.05 -5.19 -0.54
CA PHE A 550 -30.76 -4.89 -1.16
C PHE A 550 -29.59 -4.98 -0.20
N ASP A 551 -29.83 -5.31 1.08
CA ASP A 551 -28.78 -5.36 2.08
C ASP A 551 -27.99 -4.05 2.14
N ARG A 552 -28.70 -2.93 2.11
CA ARG A 552 -28.07 -1.64 2.28
C ARG A 552 -27.60 -1.46 3.73
N ASP A 553 -26.36 -0.98 3.87
CA ASP A 553 -25.72 -0.67 5.14
C ASP A 553 -26.18 0.61 5.82
N SER A 554 -26.69 1.59 5.07
CA SER A 554 -27.21 2.79 5.70
C SER A 554 -28.10 3.53 4.72
N LEU A 555 -28.71 4.62 5.19
CA LEU A 555 -29.50 5.51 4.35
C LEU A 555 -28.74 6.77 3.96
N ALA A 556 -27.48 6.89 4.37
CA ALA A 556 -26.71 8.10 4.11
C ALA A 556 -26.67 8.40 2.62
N GLY A 557 -26.83 9.69 2.29
CA GLY A 557 -26.95 10.13 0.91
C GLY A 557 -28.37 10.39 0.47
N ILE A 558 -29.36 9.98 1.26
CA ILE A 558 -30.76 10.22 0.94
C ILE A 558 -31.18 11.52 1.60
N ASP A 559 -31.32 12.58 0.80
CA ASP A 559 -31.77 13.89 1.28
C ASP A 559 -33.29 13.87 1.35
N ALA A 560 -33.80 13.35 2.46
CA ALA A 560 -35.22 13.03 2.56
C ALA A 560 -36.09 14.28 2.48
N ALA A 561 -35.65 15.38 3.10
CA ALA A 561 -36.46 16.59 3.13
C ALA A 561 -36.76 17.10 1.72
N SER A 562 -35.90 16.80 0.75
CA SER A 562 -36.10 17.24 -0.62
C SER A 562 -37.05 16.36 -1.41
N LEU A 563 -37.36 15.15 -0.93
CA LEU A 563 -38.25 14.23 -1.65
C LEU A 563 -39.67 14.47 -1.17
N THR A 564 -40.28 15.53 -1.70
CA THR A 564 -41.51 16.09 -1.18
C THR A 564 -42.77 15.48 -1.79
N SER A 565 -42.64 14.45 -2.64
CA SER A 565 -43.81 13.82 -3.26
C SER A 565 -43.89 12.33 -2.95
N LEU A 566 -43.19 11.86 -1.92
CA LEU A 566 -43.19 10.44 -1.61
C LEU A 566 -44.57 9.99 -1.12
N GLU A 567 -45.02 8.85 -1.65
CA GLU A 567 -46.25 8.22 -1.21
C GLU A 567 -46.07 6.78 -0.79
N LYS A 568 -45.05 6.09 -1.29
CA LYS A 568 -44.82 4.68 -0.99
C LYS A 568 -43.34 4.45 -0.82
N VAL A 569 -42.95 3.92 0.34
CA VAL A 569 -41.54 3.69 0.68
C VAL A 569 -41.41 2.28 1.23
N ASP A 570 -40.40 1.54 0.73
CA ASP A 570 -40.10 0.19 1.20
C ASP A 570 -38.59 0.10 1.42
N LEU A 571 -38.17 0.10 2.68
CA LEU A 571 -36.76 -0.06 3.05
C LEU A 571 -36.50 -1.37 3.78
N SER A 572 -37.43 -2.32 3.69
CA SER A 572 -37.34 -3.55 4.45
C SER A 572 -36.26 -4.48 3.90
N SER A 573 -35.81 -5.40 4.76
CA SER A 573 -34.86 -6.46 4.38
C SER A 573 -33.52 -5.87 3.97
N ASN A 574 -33.02 -4.95 4.78
CA ASN A 574 -31.72 -4.32 4.56
C ASN A 574 -30.90 -4.47 5.84
N LYS A 575 -29.81 -3.73 5.94
CA LYS A 575 -28.96 -3.74 7.12
C LYS A 575 -28.98 -2.40 7.83
N LEU A 576 -30.18 -1.82 7.98
CA LEU A 576 -30.33 -0.48 8.52
C LEU A 576 -30.52 -0.54 10.03
N ASP A 577 -29.64 0.12 10.77
CA ASP A 577 -29.89 0.44 12.17
C ASP A 577 -30.81 1.65 12.21
N LEU A 578 -32.07 1.44 12.53
CA LEU A 578 -33.07 2.50 12.57
C LEU A 578 -33.40 2.94 14.00
N ALA A 579 -32.46 2.78 14.92
CA ALA A 579 -32.70 3.10 16.32
C ALA A 579 -32.82 4.61 16.52
N ALA A 580 -33.37 4.98 17.67
CA ALA A 580 -33.54 6.40 17.99
C ALA A 580 -32.19 7.09 18.14
N GLY A 581 -32.10 8.29 17.56
CA GLY A 581 -30.89 9.06 17.60
C GLY A 581 -29.93 8.80 16.46
N THR A 582 -30.15 7.73 15.69
CA THR A 582 -29.33 7.50 14.51
C THR A 582 -29.71 8.50 13.42
N GLU A 583 -28.76 8.76 12.53
CA GLU A 583 -29.01 9.51 11.31
C GLU A 583 -30.00 8.81 10.42
N ASN A 584 -29.88 7.48 10.31
CA ASN A 584 -30.83 6.67 9.52
C ASN A 584 -32.27 6.94 9.94
N ARG A 585 -32.52 6.92 11.25
CA ARG A 585 -33.87 7.11 11.75
C ARG A 585 -34.43 8.46 11.34
N GLN A 586 -33.59 9.49 11.34
CA GLN A 586 -34.06 10.83 10.99
C GLN A 586 -34.42 10.92 9.50
N ILE A 587 -33.63 10.30 8.63
CA ILE A 587 -34.03 10.24 7.22
C ILE A 587 -35.34 9.47 7.06
N LEU A 588 -35.49 8.34 7.76
CA LEU A 588 -36.74 7.60 7.68
C LEU A 588 -37.91 8.40 8.25
N ASP A 589 -37.69 9.06 9.39
CA ASP A 589 -38.77 9.84 9.99
C ASP A 589 -39.20 11.00 9.10
N THR A 590 -38.23 11.64 8.44
CA THR A 590 -38.56 12.73 7.52
C THR A 590 -39.40 12.23 6.35
N MET A 591 -39.04 11.06 5.79
CA MET A 591 -39.87 10.48 4.73
C MET A 591 -41.23 10.05 5.26
N LEU A 592 -41.28 9.56 6.51
CA LEU A 592 -42.56 9.16 7.09
C LEU A 592 -43.51 10.34 7.21
N ALA A 593 -43.00 11.49 7.64
CA ALA A 593 -43.84 12.69 7.72
C ALA A 593 -44.43 13.03 6.36
N THR A 594 -43.61 12.98 5.32
CA THR A 594 -44.07 13.29 3.96
C THR A 594 -45.19 12.34 3.53
N VAL A 595 -44.97 11.04 3.74
CA VAL A 595 -45.93 10.05 3.25
C VAL A 595 -47.24 10.13 4.04
N THR A 596 -47.16 10.30 5.35
CA THR A 596 -48.38 10.40 6.16
C THR A 596 -49.18 11.66 5.81
N LYS A 597 -48.50 12.80 5.62
CA LYS A 597 -49.19 14.03 5.23
C LYS A 597 -49.96 13.85 3.93
N HIS A 598 -49.44 13.04 3.01
CA HIS A 598 -50.19 12.71 1.80
C HIS A 598 -51.44 11.89 2.11
N GLY A 599 -51.45 11.19 3.25
CA GLY A 599 -52.61 10.41 3.64
C GLY A 599 -52.67 9.07 2.94
N GLY A 600 -53.76 8.36 3.21
CA GLY A 600 -53.94 7.04 2.64
C GLY A 600 -52.90 6.03 3.08
N VAL A 601 -52.36 6.19 4.28
CA VAL A 601 -51.30 5.32 4.76
C VAL A 601 -51.91 4.01 5.24
N SER A 602 -51.43 2.90 4.68
CA SER A 602 -51.81 1.57 5.10
C SER A 602 -50.55 0.83 5.54
N GLU A 603 -50.70 -0.47 5.79
CA GLU A 603 -49.57 -1.32 6.11
C GLU A 603 -48.67 -1.58 4.91
N LYS A 604 -49.16 -1.33 3.69
CA LYS A 604 -48.41 -1.50 2.46
C LYS A 604 -47.57 -0.29 2.10
N THR A 605 -47.76 0.84 2.80
CA THR A 605 -47.33 2.14 2.30
C THR A 605 -45.96 2.56 2.80
N PHE A 606 -45.57 2.14 4.00
CA PHE A 606 -44.30 2.57 4.60
C PHE A 606 -43.79 1.41 5.44
N VAL A 607 -42.93 0.58 4.85
CA VAL A 607 -42.47 -0.67 5.45
C VAL A 607 -40.95 -0.63 5.58
N PHE A 608 -40.45 -0.97 6.78
CA PHE A 608 -39.03 -0.85 7.10
C PHE A 608 -38.51 -2.00 7.97
N ASP A 609 -39.22 -3.13 8.03
CA ASP A 609 -38.89 -4.18 8.97
C ASP A 609 -37.85 -5.14 8.41
N HIS A 610 -37.54 -6.19 9.18
CA HIS A 610 -36.63 -7.25 8.78
C HIS A 610 -35.21 -6.73 8.55
N GLN A 611 -34.77 -5.82 9.41
CA GLN A 611 -33.43 -5.26 9.31
C GLN A 611 -32.44 -6.14 10.07
N LYS A 612 -31.26 -6.33 9.47
CA LYS A 612 -30.18 -7.13 10.05
C LYS A 612 -28.91 -6.27 10.07
N PRO A 613 -28.88 -5.24 10.90
CA PRO A 613 -27.72 -4.33 10.90
C PRO A 613 -26.45 -5.05 11.33
N THR A 614 -25.35 -4.71 10.67
CA THR A 614 -24.08 -5.36 10.94
C THR A 614 -23.51 -4.88 12.28
N GLY A 615 -23.05 -5.84 13.08
CA GLY A 615 -22.39 -5.51 14.33
C GLY A 615 -20.90 -5.31 14.15
N LEU A 616 -20.41 -4.12 14.49
CA LEU A 616 -19.01 -3.76 14.32
C LEU A 616 -18.32 -3.64 15.68
N TYR A 617 -17.00 -3.62 15.63
CA TYR A 617 -16.21 -3.38 16.84
C TYR A 617 -16.25 -1.91 17.22
N PRO A 618 -16.44 -1.60 18.50
CA PRO A 618 -16.40 -0.20 18.92
C PRO A 618 -15.04 0.44 18.65
N ASP A 619 -15.05 1.70 18.22
CA ASP A 619 -13.81 2.43 18.02
C ASP A 619 -13.16 2.78 19.35
N THR A 620 -13.94 3.33 20.27
CA THR A 620 -13.49 3.69 21.60
C THR A 620 -14.21 2.81 22.63
N TYR A 621 -13.59 2.66 23.79
CA TYR A 621 -14.19 1.92 24.89
C TYR A 621 -14.32 2.85 26.10
N GLY A 622 -15.27 2.50 26.98
CA GLY A 622 -15.69 3.44 28.00
C GLY A 622 -14.74 3.59 29.17
N THR A 623 -14.00 2.55 29.50
CA THR A 623 -13.18 2.53 30.72
C THR A 623 -11.72 2.67 30.35
N LYS A 624 -11.15 3.83 30.69
CA LYS A 624 -9.71 4.07 30.50
C LYS A 624 -8.91 4.18 31.77
N SER A 625 -9.55 4.31 32.93
CA SER A 625 -8.82 4.36 34.19
C SER A 625 -9.65 3.67 35.24
N LEU A 626 -8.98 2.87 36.08
CA LEU A 626 -9.64 2.19 37.19
C LEU A 626 -8.71 2.19 38.40
N GLN A 627 -9.21 2.70 39.52
CA GLN A 627 -8.52 2.59 40.79
C GLN A 627 -9.18 1.49 41.60
N LEU A 628 -8.38 0.53 42.05
CA LEU A 628 -8.90 -0.62 42.79
C LEU A 628 -8.19 -0.73 44.12
N PRO A 629 -8.88 -1.24 45.15
CA PRO A 629 -8.23 -1.42 46.44
C PRO A 629 -7.45 -2.73 46.51
N VAL A 630 -6.38 -2.70 47.28
CA VAL A 630 -5.58 -3.90 47.50
C VAL A 630 -6.45 -4.92 48.24
N ALA A 631 -6.71 -6.05 47.60
CA ALA A 631 -7.52 -7.10 48.19
C ALA A 631 -7.17 -8.43 47.56
N ASN A 632 -7.37 -9.50 48.32
CA ASN A 632 -7.08 -10.86 47.86
C ASN A 632 -8.21 -11.30 46.93
N ASP A 633 -8.08 -10.91 45.67
CA ASP A 633 -9.06 -11.29 44.66
C ASP A 633 -8.45 -11.12 43.28
N THR A 634 -8.92 -11.93 42.34
CA THR A 634 -8.54 -11.84 40.94
C THR A 634 -9.69 -11.25 40.13
N ILE A 635 -9.34 -10.42 39.14
CA ILE A 635 -10.35 -9.85 38.25
C ILE A 635 -10.01 -10.26 36.82
N ASP A 636 -11.03 -10.19 35.98
CA ASP A 636 -10.88 -10.40 34.54
C ASP A 636 -10.76 -9.03 33.87
N LEU A 637 -9.54 -8.69 33.42
CA LEU A 637 -9.32 -7.39 32.81
C LEU A 637 -10.11 -7.23 31.52
N GLN A 638 -10.22 -8.31 30.73
CA GLN A 638 -11.00 -8.24 29.50
C GLN A 638 -12.48 -8.04 29.80
N ALA A 639 -13.00 -8.73 30.81
CA ALA A 639 -14.41 -8.57 31.17
C ALA A 639 -14.70 -7.17 31.69
N LYS A 640 -13.72 -6.53 32.33
CA LYS A 640 -13.93 -5.20 32.90
C LYS A 640 -13.74 -4.09 31.88
N LEU A 641 -12.93 -4.31 30.84
CA LEU A 641 -12.47 -3.20 29.99
C LEU A 641 -12.85 -3.31 28.53
N LEU A 642 -12.96 -4.52 27.96
CA LEU A 642 -13.11 -4.68 26.52
C LEU A 642 -14.31 -5.58 26.21
N PHE A 643 -15.43 -4.96 25.85
CA PHE A 643 -16.60 -5.70 25.37
C PHE A 643 -17.50 -4.72 24.63
N GLY A 644 -18.49 -5.27 23.93
CA GLY A 644 -19.47 -4.45 23.26
C GLY A 644 -19.53 -4.62 21.76
N THR A 645 -20.66 -4.24 21.18
CA THR A 645 -20.86 -4.28 19.73
C THR A 645 -21.62 -3.02 19.32
N VAL A 646 -21.17 -2.40 18.23
CA VAL A 646 -21.80 -1.20 17.72
C VAL A 646 -22.27 -1.42 16.30
N THR A 647 -23.28 -0.67 15.91
CA THR A 647 -23.69 -0.56 14.52
C THR A 647 -22.95 0.59 13.85
N ASN A 648 -23.12 0.72 12.53
CA ASN A 648 -22.48 1.82 11.84
C ASN A 648 -23.11 3.17 12.14
N GLN A 649 -24.15 3.21 12.98
CA GLN A 649 -24.74 4.46 13.45
C GLN A 649 -24.37 4.77 14.90
N GLY A 650 -23.59 3.91 15.56
CA GLY A 650 -23.11 4.18 16.90
C GLY A 650 -23.93 3.59 18.02
N THR A 651 -24.87 2.69 17.74
CA THR A 651 -25.72 2.11 18.77
C THR A 651 -24.98 0.97 19.45
N LEU A 652 -24.61 1.17 20.72
CA LEU A 652 -23.82 0.18 21.45
C LEU A 652 -24.73 -0.83 22.15
N ILE A 653 -24.39 -2.10 22.02
CA ILE A 653 -25.04 -3.18 22.74
C ILE A 653 -23.98 -3.94 23.52
N ASN A 654 -24.20 -4.07 24.83
CA ASN A 654 -23.26 -4.75 25.71
C ASN A 654 -23.44 -6.26 25.67
N SER A 655 -24.68 -6.72 25.65
CA SER A 655 -25.00 -8.11 25.93
C SER A 655 -26.32 -8.46 25.28
N GLU A 656 -26.68 -9.74 25.39
CA GLU A 656 -27.94 -10.22 24.83
C GLU A 656 -29.12 -9.54 25.48
N ALA A 657 -29.04 -9.27 26.79
CA ALA A 657 -30.11 -8.56 27.48
C ALA A 657 -30.33 -7.18 26.88
N ASP A 658 -29.24 -6.44 26.65
CA ASP A 658 -29.36 -5.15 25.98
C ASP A 658 -29.87 -5.30 24.56
N TYR A 659 -29.50 -6.38 23.87
CA TYR A 659 -29.86 -6.55 22.48
C TYR A 659 -31.36 -6.76 22.30
N LYS A 660 -31.99 -7.50 23.21
CA LYS A 660 -33.44 -7.71 23.09
C LYS A 660 -34.19 -6.40 23.25
N ALA A 661 -33.71 -5.51 24.12
CA ALA A 661 -34.30 -4.18 24.23
C ALA A 661 -34.21 -3.44 22.90
N TYR A 662 -33.04 -3.52 22.25
CA TYR A 662 -32.89 -2.95 20.92
C TYR A 662 -33.81 -3.62 19.92
N GLN A 663 -33.93 -4.95 20.01
CA GLN A 663 -34.76 -5.71 19.08
C GLN A 663 -36.24 -5.38 19.22
N GLU A 664 -36.66 -4.87 20.37
CA GLU A 664 -38.06 -4.55 20.63
C GLU A 664 -38.39 -3.08 20.44
N GLN A 665 -37.46 -2.29 19.92
CA GLN A 665 -37.75 -0.90 19.60
C GLN A 665 -38.79 -0.82 18.48
N GLU A 666 -39.54 0.28 18.47
CA GLU A 666 -40.62 0.44 17.51
C GLU A 666 -40.56 1.81 16.84
N ILE A 667 -40.89 1.83 15.56
CA ILE A 667 -41.11 3.06 14.81
C ILE A 667 -42.57 3.08 14.41
N ALA A 668 -43.30 4.10 14.87
CA ALA A 668 -44.74 4.22 14.62
C ALA A 668 -45.46 2.93 15.01
N GLY A 669 -45.09 2.37 16.16
CA GLY A 669 -45.73 1.16 16.65
C GLY A 669 -45.37 -0.10 15.92
N HIS A 670 -44.22 -0.14 15.24
CA HIS A 670 -43.81 -1.30 14.47
C HIS A 670 -42.32 -1.56 14.69
N ARG A 671 -41.97 -2.80 15.04
CA ARG A 671 -40.57 -3.16 15.20
C ARG A 671 -39.89 -3.24 13.84
N PHE A 672 -38.61 -2.88 13.81
CA PHE A 672 -37.85 -2.87 12.57
C PHE A 672 -36.76 -3.92 12.49
N VAL A 673 -36.22 -4.37 13.63
CA VAL A 673 -35.18 -5.39 13.62
C VAL A 673 -35.82 -6.74 13.30
N ASP A 674 -35.15 -7.50 12.43
CA ASP A 674 -35.61 -8.85 12.11
C ASP A 674 -35.68 -9.69 13.37
N SER A 675 -36.79 -10.41 13.53
CA SER A 675 -37.00 -11.20 14.75
C SER A 675 -36.09 -12.42 14.79
N SER A 676 -35.71 -12.93 13.62
CA SER A 676 -34.84 -14.12 13.53
C SER A 676 -33.36 -13.78 13.71
N TYR A 677 -33.02 -12.51 13.85
CA TYR A 677 -31.65 -12.03 13.90
C TYR A 677 -31.22 -11.94 15.37
N ASP A 678 -30.71 -13.06 15.89
CA ASP A 678 -30.45 -13.16 17.33
C ASP A 678 -29.09 -12.55 17.68
N TYR A 679 -28.75 -12.62 18.96
CA TYR A 679 -27.62 -11.87 19.50
C TYR A 679 -26.29 -12.33 18.89
N LYS A 680 -26.06 -13.65 18.85
CA LYS A 680 -24.77 -14.12 18.35
C LYS A 680 -24.62 -13.88 16.86
N ALA A 681 -25.73 -13.82 16.12
CA ALA A 681 -25.66 -13.39 14.73
C ALA A 681 -25.17 -11.96 14.62
N PHE A 682 -25.52 -11.11 15.59
CA PHE A 682 -25.19 -9.68 15.53
C PHE A 682 -23.88 -9.35 16.23
N ALA A 683 -23.62 -9.94 17.40
CA ALA A 683 -22.52 -9.49 18.24
C ALA A 683 -21.16 -9.88 17.66
N VAL A 684 -20.19 -8.98 17.78
CA VAL A 684 -18.81 -9.32 17.49
C VAL A 684 -18.23 -10.16 18.63
N THR A 685 -17.14 -10.84 18.32
CA THR A 685 -16.47 -11.70 19.32
C THR A 685 -15.02 -11.28 19.54
N TYR A 686 -14.54 -11.44 20.75
CA TYR A 686 -13.18 -11.09 21.13
C TYR A 686 -12.35 -12.33 21.43
N LYS A 687 -12.55 -13.39 20.64
CA LYS A 687 -11.87 -14.66 20.87
C LYS A 687 -10.38 -14.49 20.87
N ASP A 688 -9.83 -14.12 19.72
CA ASP A 688 -8.40 -14.10 19.46
C ASP A 688 -7.80 -12.74 19.69
N TYR A 689 -8.48 -11.91 20.50
CA TYR A 689 -7.88 -10.68 21.02
C TYR A 689 -6.88 -11.04 22.10
N LYS A 690 -5.75 -10.34 22.10
CA LYS A 690 -4.70 -10.57 23.08
C LYS A 690 -4.62 -9.38 24.02
N ILE A 691 -4.09 -9.63 25.21
CA ILE A 691 -3.92 -8.60 26.24
C ILE A 691 -2.43 -8.49 26.57
N LYS A 692 -2.02 -7.28 26.91
CA LYS A 692 -0.64 -7.00 27.34
C LYS A 692 -0.71 -6.16 28.60
N VAL A 693 -0.26 -6.71 29.73
CA VAL A 693 -0.29 -6.03 31.01
C VAL A 693 1.16 -5.80 31.44
N THR A 694 1.53 -4.53 31.63
CA THR A 694 2.85 -4.16 32.09
C THR A 694 2.71 -3.39 33.40
N ASP A 695 3.42 -3.85 34.43
CA ASP A 695 3.39 -3.17 35.72
C ASP A 695 4.32 -1.96 35.67
N SER A 696 4.48 -1.29 36.81
CA SER A 696 5.32 -0.09 36.85
C SER A 696 6.81 -0.42 36.70
N THR A 697 7.22 -1.65 36.98
CA THR A 697 8.60 -2.07 36.78
C THR A 697 8.82 -2.71 35.41
N LEU A 698 7.86 -2.56 34.50
CA LEU A 698 7.90 -3.04 33.11
C LEU A 698 7.85 -4.55 32.99
N GLY A 699 7.52 -5.26 34.07
CA GLY A 699 7.22 -6.68 33.96
C GLY A 699 5.99 -6.86 33.10
N VAL A 700 6.04 -7.79 32.14
CA VAL A 700 4.99 -7.94 31.13
C VAL A 700 4.41 -9.34 31.23
N THR A 701 3.09 -9.42 31.25
CA THR A 701 2.35 -10.67 31.12
C THR A 701 1.29 -10.49 30.05
N ASP A 702 0.73 -11.61 29.58
CA ASP A 702 -0.39 -11.59 28.66
C ASP A 702 -1.59 -12.30 29.27
N HIS A 703 -1.75 -12.18 30.58
CA HIS A 703 -2.81 -12.87 31.30
C HIS A 703 -4.04 -12.00 31.41
N LYS A 704 -5.20 -12.55 31.04
CA LYS A 704 -6.46 -11.86 31.22
C LYS A 704 -6.74 -11.59 32.69
N ASP A 705 -6.49 -12.58 33.55
CA ASP A 705 -6.80 -12.48 34.96
C ASP A 705 -5.67 -11.78 35.71
N LEU A 706 -6.03 -10.82 36.56
CA LEU A 706 -5.06 -10.01 37.29
C LEU A 706 -5.38 -10.06 38.78
N SER A 707 -4.39 -10.50 39.57
CA SER A 707 -4.52 -10.44 41.02
C SER A 707 -4.39 -8.99 41.50
N THR A 708 -5.12 -8.67 42.56
CA THR A 708 -5.05 -7.36 43.19
C THR A 708 -4.43 -7.40 44.59
N SER A 709 -3.93 -8.58 45.00
CA SER A 709 -3.38 -8.73 46.34
C SER A 709 -2.16 -7.83 46.53
N LYS A 710 -1.33 -7.73 45.51
CA LYS A 710 -0.15 -6.88 45.49
C LYS A 710 -0.52 -5.48 45.06
N GLU A 711 0.19 -4.49 45.60
CA GLU A 711 -0.05 -3.10 45.27
C GLU A 711 0.79 -2.70 44.07
N GLU A 712 0.14 -2.37 42.96
CA GLU A 712 0.84 -2.17 41.70
C GLU A 712 0.01 -1.28 40.80
N THR A 713 0.69 -0.61 39.87
CA THR A 713 0.05 0.20 38.84
C THR A 713 0.37 -0.42 37.48
N TYR A 714 -0.66 -0.68 36.69
CA TYR A 714 -0.53 -1.43 35.44
C TYR A 714 -1.00 -0.59 34.26
N LYS A 715 -0.30 -0.76 33.14
CA LYS A 715 -0.82 -0.40 31.83
C LYS A 715 -1.36 -1.66 31.17
N VAL A 716 -2.57 -1.57 30.63
CA VAL A 716 -3.23 -2.71 29.99
C VAL A 716 -3.60 -2.32 28.58
N GLU A 717 -3.21 -3.15 27.62
CA GLU A 717 -3.50 -2.91 26.20
C GLU A 717 -4.09 -4.17 25.59
N PHE A 718 -5.07 -3.97 24.72
CA PHE A 718 -5.75 -5.06 24.03
C PHE A 718 -5.46 -4.97 22.54
N PHE A 719 -5.24 -6.12 21.90
CA PHE A 719 -4.86 -6.16 20.50
C PHE A 719 -5.84 -7.05 19.75
N SER A 720 -6.39 -6.53 18.66
CA SER A 720 -7.13 -7.37 17.74
C SER A 720 -6.18 -8.34 17.06
N PRO A 721 -6.65 -9.51 16.65
CA PRO A 721 -5.81 -10.40 15.85
C PRO A 721 -5.36 -9.77 14.54
N ILE A 722 -6.09 -8.75 14.06
CA ILE A 722 -5.78 -8.16 12.77
C ILE A 722 -4.55 -7.27 12.85
N ASN A 723 -4.25 -6.73 14.02
CA ASN A 723 -3.08 -5.88 14.17
C ASN A 723 -2.51 -6.13 15.56
N SER A 724 -1.38 -6.83 15.62
CA SER A 724 -0.75 -7.19 16.88
C SER A 724 0.33 -6.23 17.30
N THR A 725 0.53 -5.16 16.55
CA THR A 725 1.48 -4.13 16.94
C THR A 725 0.76 -2.94 17.52
N LYS A 726 -0.56 -2.98 17.54
CA LYS A 726 -1.23 -1.70 17.63
C LYS A 726 -2.58 -1.83 18.35
N PRO A 727 -2.63 -1.38 19.60
CA PRO A 727 -3.75 -1.73 20.48
C PRO A 727 -5.04 -0.99 20.13
N VAL A 728 -6.16 -1.70 20.28
CA VAL A 728 -7.47 -1.08 20.08
C VAL A 728 -7.91 -0.31 21.31
N HIS A 729 -7.39 -0.64 22.49
CA HIS A 729 -7.80 0.01 23.72
C HIS A 729 -6.67 -0.07 24.74
N GLU A 730 -6.54 0.99 25.54
CA GLU A 730 -5.52 1.05 26.57
C GLU A 730 -6.14 1.57 27.86
N ALA A 731 -5.68 1.09 29.00
CA ALA A 731 -6.24 1.51 30.29
C ALA A 731 -5.20 1.45 31.41
N LYS A 732 -5.28 2.38 32.36
CA LYS A 732 -4.37 2.35 33.53
C LYS A 732 -5.13 1.78 34.72
N ILE A 733 -4.65 0.67 35.26
CA ILE A 733 -5.29 0.08 36.46
C ILE A 733 -4.38 0.33 37.66
N VAL A 734 -4.87 1.07 38.64
CA VAL A 734 -4.12 1.33 39.87
C VAL A 734 -4.66 0.43 40.97
N VAL A 735 -3.76 -0.35 41.58
CA VAL A 735 -4.09 -1.18 42.72
C VAL A 735 -3.39 -0.58 43.93
N GLY A 736 -4.16 -0.17 44.93
CA GLY A 736 -3.61 0.57 46.05
C GLY A 736 -3.23 1.99 45.65
N GLU A 737 -2.22 2.52 46.34
CA GLU A 737 -1.64 3.80 45.94
C GLU A 737 -1.04 3.68 44.54
N GLU A 738 -1.05 4.78 43.82
CA GLU A 738 -0.53 4.78 42.46
C GLU A 738 1.00 4.82 42.48
N LYS A 739 1.59 4.11 41.52
CA LYS A 739 3.03 4.16 41.28
C LYS A 739 3.26 4.67 39.86
N THR A 740 4.37 5.38 39.69
CA THR A 740 4.72 5.90 38.38
C THR A 740 5.20 4.77 37.48
N MET A 741 4.81 4.84 36.21
CA MET A 741 5.27 3.87 35.23
C MET A 741 6.72 4.19 34.86
N MET A 742 7.62 3.27 35.18
CA MET A 742 9.02 3.47 34.86
C MET A 742 9.28 3.21 33.38
N VAL A 743 10.50 3.51 32.95
CA VAL A 743 10.91 3.33 31.56
C VAL A 743 12.20 2.54 31.53
N ASN A 744 12.47 1.93 30.37
CA ASN A 744 13.72 1.23 30.12
C ASN A 744 14.71 2.23 29.56
N LEU A 745 15.57 2.77 30.44
CA LEU A 745 16.54 3.77 30.01
C LEU A 745 17.63 3.19 29.13
N ALA A 746 17.85 1.87 29.17
CA ALA A 746 18.85 1.21 28.35
C ALA A 746 18.37 0.89 26.94
N GLU A 747 17.11 1.15 26.65
CA GLU A 747 16.52 1.03 25.33
C GLU A 747 17.34 1.83 24.31
N GLY A 748 17.84 1.17 23.27
CA GLY A 748 18.65 1.86 22.28
C GLY A 748 19.99 2.36 22.79
N ALA A 749 20.53 1.76 23.85
CA ALA A 749 21.83 2.17 24.36
C ALA A 749 22.92 1.90 23.34
N THR A 750 23.91 2.78 23.29
CA THR A 750 25.03 2.61 22.38
C THR A 750 26.11 1.75 23.03
N ILE A 751 26.66 0.84 22.25
CA ILE A 751 27.66 -0.10 22.74
C ILE A 751 29.01 0.62 22.78
N ILE A 752 29.62 0.69 23.96
CA ILE A 752 30.91 1.33 24.12
C ILE A 752 32.02 0.29 24.02
N GLY A 753 32.02 -0.67 24.94
CA GLY A 753 33.09 -1.66 24.98
C GLY A 753 32.62 -3.06 25.29
N GLY A 754 33.51 -3.86 25.86
CA GLY A 754 33.24 -5.26 26.09
C GLY A 754 33.77 -6.14 24.97
N ASP A 755 33.67 -7.45 25.18
CA ASP A 755 34.15 -8.43 24.22
C ASP A 755 33.05 -9.05 23.38
N ALA A 756 31.79 -8.68 23.62
CA ALA A 756 30.67 -9.30 22.93
C ALA A 756 30.67 -8.88 21.45
N ASP A 757 29.99 -9.70 20.65
CA ASP A 757 29.86 -9.42 19.22
C ASP A 757 29.12 -8.11 19.02
N PRO A 758 29.70 -7.14 18.31
CA PRO A 758 29.06 -5.82 18.21
C PRO A 758 27.67 -5.86 17.58
N THR A 759 27.45 -6.74 16.61
CA THR A 759 26.14 -6.80 15.95
C THR A 759 25.07 -7.30 16.90
N ASN A 760 25.35 -8.39 17.61
CA ASN A 760 24.36 -8.96 18.53
C ASN A 760 24.28 -8.20 19.83
N ALA A 761 25.36 -7.50 20.22
CA ALA A 761 25.30 -6.66 21.42
C ALA A 761 24.28 -5.54 21.26
N LYS A 762 24.20 -4.96 20.07
CA LYS A 762 23.18 -3.94 19.82
C LYS A 762 21.78 -4.51 19.99
N LYS A 763 21.58 -5.78 19.61
CA LYS A 763 20.28 -6.43 19.72
C LYS A 763 19.87 -6.69 21.16
N VAL A 764 20.78 -6.52 22.12
CA VAL A 764 20.43 -6.64 23.53
C VAL A 764 19.54 -5.48 23.99
N PHE A 765 19.57 -4.35 23.28
CA PHE A 765 18.88 -3.15 23.72
C PHE A 765 17.88 -2.63 22.68
N ASP A 766 17.49 -3.47 21.72
CA ASP A 766 16.56 -3.01 20.67
C ASP A 766 15.12 -2.97 21.17
N GLY A 767 14.70 -3.95 21.96
CA GLY A 767 13.36 -3.95 22.52
C GLY A 767 12.61 -5.25 22.39
N LEU A 768 13.21 -6.24 21.72
CA LEU A 768 12.53 -7.49 21.39
C LEU A 768 12.90 -8.54 22.41
N LEU A 769 11.91 -9.05 23.14
CA LEU A 769 12.21 -10.00 24.21
C LEU A 769 12.42 -11.40 23.66
N ASN A 770 11.87 -11.66 22.47
CA ASN A 770 12.08 -12.89 21.71
C ASN A 770 12.93 -12.59 20.48
N ASN A 771 13.97 -11.78 20.67
CA ASN A 771 14.86 -11.35 19.59
C ASN A 771 15.82 -12.47 19.21
N ASP A 772 15.25 -13.61 18.80
CA ASP A 772 16.09 -14.66 18.24
C ASP A 772 16.34 -14.40 16.76
N THR A 773 16.96 -13.26 16.51
CA THR A 773 17.82 -13.05 15.35
C THR A 773 19.25 -13.45 15.67
N THR A 774 19.41 -14.47 16.52
CA THR A 774 20.71 -14.91 17.03
C THR A 774 21.37 -13.87 17.93
N THR A 775 20.90 -13.77 19.17
CA THR A 775 21.37 -12.80 20.16
C THR A 775 22.60 -13.28 20.95
N LEU A 776 23.42 -14.18 20.40
CA LEU A 776 24.52 -14.75 21.17
C LEU A 776 25.75 -13.85 21.01
N SER A 777 26.45 -13.63 22.13
CA SER A 777 27.45 -12.58 22.20
C SER A 777 28.88 -13.07 21.99
N THR A 778 29.15 -14.33 22.31
CA THR A 778 30.49 -14.88 22.33
C THR A 778 30.47 -16.39 22.36
N SER A 779 31.62 -16.97 22.71
CA SER A 779 31.69 -18.36 23.16
C SER A 779 31.86 -18.36 24.67
N ASN A 780 30.72 -18.53 25.38
CA ASN A 780 30.52 -18.93 26.77
C ASN A 780 30.61 -17.84 27.83
N LYS A 781 31.16 -16.67 27.55
CA LYS A 781 31.18 -15.66 28.62
C LYS A 781 31.38 -14.29 27.99
N ALA A 782 30.44 -13.38 28.23
CA ALA A 782 30.36 -12.15 27.48
C ALA A 782 30.32 -10.96 28.43
N SER A 783 30.75 -9.82 27.89
CA SER A 783 30.73 -8.56 28.62
C SER A 783 30.40 -7.46 27.64
N ILE A 784 29.52 -6.55 28.06
CA ILE A 784 29.18 -5.37 27.29
C ILE A 784 29.33 -4.15 28.19
N ILE A 785 30.04 -3.14 27.72
CA ILE A 785 30.02 -1.81 28.30
C ILE A 785 29.14 -0.94 27.43
N PHE A 786 28.14 -0.31 28.02
CA PHE A 786 27.17 0.46 27.25
C PHE A 786 26.87 1.76 27.98
N GLU A 787 26.42 2.74 27.21
CA GLU A 787 26.09 4.07 27.72
C GLU A 787 24.60 4.30 27.57
N LEU A 788 23.93 4.62 28.68
CA LEU A 788 22.55 5.06 28.58
C LEU A 788 22.49 6.29 27.69
N LYS A 789 21.60 6.21 26.70
CA LYS A 789 21.46 7.22 25.66
C LYS A 789 21.10 8.59 26.23
N GLU A 790 20.30 8.56 27.30
CA GLU A 790 20.05 9.73 28.14
C GLU A 790 19.82 9.26 29.57
N PRO A 791 20.82 9.41 30.43
CA PRO A 791 20.77 8.85 31.79
C PRO A 791 19.63 9.40 32.64
N GLY A 792 19.17 8.55 33.56
CA GLY A 792 18.17 8.94 34.54
C GLY A 792 18.41 8.34 35.92
N LEU A 793 17.33 8.13 36.68
CA LEU A 793 17.38 7.55 38.01
C LEU A 793 17.00 6.07 37.92
N VAL A 794 17.94 5.19 38.22
CA VAL A 794 17.73 3.75 38.02
C VAL A 794 17.22 3.12 39.30
N LYS A 795 16.10 2.40 39.21
CA LYS A 795 15.51 1.72 40.36
C LYS A 795 15.23 0.24 40.12
N HIS A 796 15.52 -0.27 38.92
CA HIS A 796 15.18 -1.64 38.58
C HIS A 796 16.04 -2.07 37.40
N TRP A 797 16.20 -3.39 37.26
CA TRP A 797 16.81 -3.95 36.07
C TRP A 797 16.24 -5.33 35.82
N ARG A 798 16.39 -5.79 34.58
CA ARG A 798 15.81 -7.05 34.16
C ARG A 798 16.61 -7.58 32.99
N PHE A 799 16.74 -8.91 32.92
CA PHE A 799 17.32 -9.55 31.76
C PHE A 799 16.59 -10.87 31.52
N PHE A 800 16.64 -11.33 30.27
CA PHE A 800 15.93 -12.51 29.82
C PHE A 800 16.91 -13.50 29.23
N ASN A 801 16.70 -14.78 29.51
CA ASN A 801 17.33 -15.84 28.74
C ASN A 801 16.48 -16.14 27.53
N ASP A 802 17.10 -16.79 26.54
CA ASP A 802 16.41 -17.09 25.29
C ASP A 802 15.06 -17.75 25.56
N SER A 803 13.99 -17.06 25.16
CA SER A 803 12.65 -17.41 25.62
C SER A 803 12.23 -18.74 25.01
N LYS A 804 12.35 -19.80 25.82
CA LYS A 804 11.80 -21.13 25.53
C LYS A 804 12.51 -21.84 24.37
N ILE A 805 13.43 -21.15 23.69
CA ILE A 805 14.12 -21.79 22.58
C ILE A 805 15.16 -22.78 23.09
N SER A 806 15.78 -22.45 24.23
CA SER A 806 16.75 -23.37 24.85
C SER A 806 16.56 -23.33 26.36
N LYS A 807 16.99 -24.38 27.08
CA LYS A 807 17.02 -24.43 28.54
C LYS A 807 18.28 -25.16 28.96
N ALA A 808 18.73 -24.88 30.18
CA ALA A 808 19.98 -25.38 30.75
C ALA A 808 21.21 -24.84 30.01
N ASP A 809 21.01 -24.10 28.92
CA ASP A 809 22.02 -23.21 28.35
C ASP A 809 21.87 -21.79 28.89
N TYR A 810 21.01 -21.61 29.89
CA TYR A 810 20.69 -20.30 30.42
C TYR A 810 21.94 -19.63 31.00
N ILE A 811 21.95 -18.29 30.93
CA ILE A 811 22.84 -17.54 31.80
C ILE A 811 22.59 -17.97 33.23
N LYS A 812 23.66 -18.35 33.93
CA LYS A 812 23.55 -18.77 35.32
C LYS A 812 24.22 -17.81 36.30
N GLU A 813 25.18 -17.01 35.84
CA GLU A 813 25.81 -15.98 36.64
C GLU A 813 25.78 -14.67 35.87
N ALA A 814 25.49 -13.58 36.57
CA ALA A 814 25.48 -12.27 35.95
C ALA A 814 25.93 -11.23 36.95
N LYS A 815 26.63 -10.21 36.45
CA LYS A 815 27.09 -9.09 37.27
C LYS A 815 26.83 -7.80 36.51
N LEU A 816 26.14 -6.87 37.17
CA LEU A 816 25.85 -5.56 36.62
C LEU A 816 26.68 -4.53 37.38
N GLU A 817 27.35 -3.64 36.64
CA GLU A 817 28.21 -2.63 37.24
C GLU A 817 27.89 -1.26 36.66
N ALA A 818 28.03 -0.24 37.51
CA ALA A 818 27.85 1.15 37.12
C ALA A 818 29.17 1.89 37.30
N PHE A 819 29.47 2.79 36.36
CA PHE A 819 30.71 3.55 36.39
C PHE A 819 30.55 4.78 37.27
N VAL A 820 31.52 5.02 38.15
CA VAL A 820 31.40 6.12 39.10
C VAL A 820 32.02 7.40 38.58
N GLY A 821 31.32 8.06 37.65
CA GLY A 821 31.54 9.45 37.27
C GLY A 821 32.95 10.00 37.31
N HIS A 822 33.94 9.21 36.88
CA HIS A 822 35.36 9.56 37.04
C HIS A 822 36.12 9.38 35.73
N LEU A 823 35.59 9.95 34.65
CA LEU A 823 36.27 9.88 33.36
C LEU A 823 37.72 10.36 33.47
N GLU A 824 38.66 9.48 33.11
CA GLU A 824 40.08 9.70 33.39
C GLU A 824 40.70 10.56 32.30
N ASP A 825 40.35 11.85 32.34
CA ASP A 825 41.05 12.92 31.63
C ASP A 825 41.38 12.58 30.17
N SER A 826 40.61 11.67 29.57
CA SER A 826 40.82 11.29 28.18
C SER A 826 39.46 11.14 27.49
N SER A 827 38.60 12.15 27.66
CA SER A 827 37.27 12.15 27.07
C SER A 827 37.29 11.97 25.56
N LYS A 828 38.45 12.07 24.92
CA LYS A 828 38.57 11.78 23.50
C LYS A 828 38.60 10.28 23.18
N VAL A 829 38.65 9.41 24.19
CA VAL A 829 38.86 7.98 23.95
C VAL A 829 37.71 7.13 24.50
N LYS A 830 37.53 7.20 25.82
CA LYS A 830 36.31 6.90 26.56
C LYS A 830 36.01 5.40 26.52
N ASP A 831 36.76 4.65 25.72
CA ASP A 831 36.72 3.19 25.69
C ASP A 831 37.87 2.59 26.51
N SER A 832 39.11 3.00 26.24
CA SER A 832 40.23 2.54 27.04
C SER A 832 40.07 2.94 28.51
N LEU A 833 39.44 4.09 28.77
CA LEU A 833 39.25 4.54 30.14
C LEU A 833 38.32 3.62 30.93
N GLU A 834 37.23 3.18 30.31
CA GLU A 834 36.24 2.41 31.05
C GLU A 834 36.72 0.98 31.28
N LYS A 835 37.45 0.44 30.33
CA LYS A 835 38.00 -0.89 30.49
C LYS A 835 39.16 -0.93 31.49
N SER A 836 39.41 0.18 32.23
CA SER A 836 40.57 0.25 33.10
C SER A 836 40.32 0.88 34.47
N THR A 837 39.11 1.35 34.77
CA THR A 837 38.83 2.02 36.03
C THR A 837 38.27 1.01 37.04
N GLU A 838 38.02 1.46 38.26
CA GLU A 838 37.35 0.66 39.27
C GLU A 838 35.88 1.06 39.33
N TRP A 839 34.99 0.10 39.10
CA TRP A 839 33.56 0.31 39.03
C TRP A 839 32.92 -0.01 40.38
N VAL A 840 31.60 0.02 40.43
CA VAL A 840 30.83 -0.46 41.57
C VAL A 840 29.81 -1.46 41.06
N THR A 841 29.66 -2.57 41.80
CA THR A 841 28.76 -3.65 41.40
C THR A 841 27.39 -3.40 42.00
N VAL A 842 26.40 -3.15 41.15
CA VAL A 842 25.05 -2.91 41.63
C VAL A 842 24.28 -4.21 41.87
N SER A 843 24.68 -5.31 41.24
CA SER A 843 24.00 -6.58 41.48
C SER A 843 24.86 -7.73 40.96
N ASP A 844 24.84 -8.85 41.69
CA ASP A 844 25.50 -10.10 41.31
C ASP A 844 24.43 -11.18 41.26
N TYR A 845 23.97 -11.51 40.05
CA TYR A 845 22.95 -12.53 39.90
C TYR A 845 23.56 -13.92 39.86
N SER A 846 22.94 -14.86 40.59
CA SER A 846 23.25 -16.28 40.47
C SER A 846 21.94 -17.04 40.60
N GLY A 847 21.60 -17.80 39.57
CA GLY A 847 20.34 -18.51 39.55
C GLY A 847 20.16 -19.21 38.23
N GLU A 848 18.93 -19.64 37.96
CA GLU A 848 18.65 -20.32 36.71
C GLU A 848 17.27 -19.97 36.15
N ALA A 849 16.74 -18.80 36.49
CA ALA A 849 15.44 -18.37 35.99
C ALA A 849 15.51 -18.03 34.50
N GLN A 850 14.39 -18.22 33.81
CA GLN A 850 14.27 -17.72 32.45
C GLN A 850 14.47 -16.21 32.40
N GLU A 851 13.91 -15.52 33.38
CA GLU A 851 13.91 -14.07 33.45
C GLU A 851 14.17 -13.65 34.88
N PHE A 852 14.93 -12.58 35.06
CA PHE A 852 15.28 -12.08 36.38
C PHE A 852 15.05 -10.58 36.43
N SER A 853 14.42 -10.11 37.51
CA SER A 853 14.24 -8.68 37.75
C SER A 853 14.54 -8.39 39.20
N GLN A 854 14.99 -7.16 39.47
CA GLN A 854 15.46 -6.83 40.81
C GLN A 854 15.43 -5.32 41.02
N PRO A 855 15.05 -4.84 42.20
CA PRO A 855 15.12 -3.40 42.47
C PRO A 855 16.55 -2.91 42.64
N LEU A 856 16.76 -1.63 42.35
CA LEU A 856 18.07 -1.00 42.45
C LEU A 856 17.98 0.31 43.22
N ASN A 857 19.12 0.73 43.77
CA ASN A 857 19.16 1.79 44.78
C ASN A 857 19.53 3.14 44.17
N ASN A 858 18.64 3.65 43.31
CA ASN A 858 18.70 5.04 42.85
C ASN A 858 20.06 5.40 42.24
N ILE A 859 20.57 4.51 41.40
CA ILE A 859 21.83 4.78 40.71
C ILE A 859 21.58 5.76 39.57
N GLY A 860 22.50 6.70 39.38
CA GLY A 860 22.39 7.69 38.33
C GLY A 860 23.57 7.68 37.37
N ALA A 861 24.06 6.50 37.03
CA ALA A 861 25.24 6.37 36.19
C ALA A 861 24.87 6.29 34.71
N LYS A 862 25.69 6.92 33.88
CA LYS A 862 25.52 6.87 32.43
C LYS A 862 26.22 5.68 31.79
N TYR A 863 27.19 5.09 32.47
CA TYR A 863 28.04 4.05 31.91
C TYR A 863 27.86 2.76 32.71
N TRP A 864 27.59 1.67 32.01
CA TRP A 864 27.28 0.40 32.64
C TRP A 864 28.07 -0.73 31.99
N ARG A 865 28.30 -1.78 32.77
CA ARG A 865 28.90 -3.01 32.27
C ARG A 865 28.10 -4.19 32.76
N ILE A 866 27.76 -5.10 31.85
CA ILE A 866 27.09 -6.35 32.18
C ILE A 866 28.02 -7.49 31.81
N THR A 867 28.15 -8.46 32.71
CA THR A 867 28.96 -9.65 32.48
C THR A 867 28.09 -10.87 32.73
N ILE A 868 28.02 -11.76 31.75
CA ILE A 868 27.15 -12.94 31.82
C ILE A 868 27.98 -14.19 31.59
N ASP A 869 27.49 -15.31 32.14
CA ASP A 869 28.19 -16.58 32.10
C ASP A 869 27.15 -17.68 32.19
N ASN A 870 27.12 -18.58 31.21
CA ASN A 870 26.21 -19.71 31.25
C ASN A 870 26.88 -20.97 31.77
N LYS A 871 28.10 -20.86 32.29
CA LYS A 871 28.79 -21.95 32.99
C LYS A 871 28.96 -23.20 32.12
N LYS A 872 28.96 -23.03 30.80
CA LYS A 872 29.20 -24.15 29.91
C LYS A 872 30.67 -24.18 29.51
N SER A 873 31.01 -25.04 28.55
CA SER A 873 32.39 -25.19 28.09
C SER A 873 32.89 -23.88 27.52
N GLN A 874 34.17 -23.81 27.16
CA GLN A 874 34.67 -22.57 26.57
C GLN A 874 34.05 -22.28 25.22
N TYR A 875 33.23 -23.21 24.71
CA TYR A 875 32.46 -23.03 23.49
C TYR A 875 30.97 -23.06 23.82
N GLY A 876 30.58 -22.34 24.87
CA GLY A 876 29.22 -22.30 25.36
C GLY A 876 28.27 -21.36 24.66
N TYR A 877 28.77 -20.46 23.81
CA TYR A 877 27.95 -19.57 22.96
C TYR A 877 26.83 -18.89 23.77
N VAL A 878 27.23 -18.19 24.83
CA VAL A 878 26.25 -17.56 25.72
C VAL A 878 25.47 -16.48 24.96
N SER A 879 24.19 -16.34 25.32
CA SER A 879 23.24 -15.49 24.60
C SER A 879 22.54 -14.54 25.57
N LEU A 880 22.10 -13.40 25.06
CA LEU A 880 21.40 -12.40 25.87
C LEU A 880 20.37 -11.67 25.01
N PRO A 881 19.12 -12.15 25.01
CA PRO A 881 18.08 -11.53 24.16
C PRO A 881 17.73 -10.07 24.51
N GLU A 882 17.44 -9.75 25.78
CA GLU A 882 17.33 -8.35 26.19
C GLU A 882 17.98 -8.17 27.56
N LEU A 883 18.47 -6.95 27.77
CA LEU A 883 18.78 -6.43 29.09
C LEU A 883 18.05 -5.10 29.27
N GLN A 884 17.44 -4.90 30.43
CA GLN A 884 16.70 -3.68 30.73
C GLN A 884 17.29 -3.00 31.95
N ILE A 885 17.56 -1.71 31.83
CA ILE A 885 17.92 -0.86 32.96
C ILE A 885 16.78 0.13 33.14
N ILE A 886 16.08 0.03 34.27
CA ILE A 886 14.73 0.58 34.41
C ILE A 886 14.73 1.67 35.47
N GLY A 887 14.15 2.81 35.13
CA GLY A 887 14.01 3.91 36.08
C GLY A 887 13.16 5.05 35.56
N HIS A 888 13.59 6.28 35.83
CA HIS A 888 12.85 7.47 35.42
C HIS A 888 13.79 8.47 34.78
N ARG A 889 13.32 9.10 33.70
CA ARG A 889 14.11 10.09 33.00
C ARG A 889 14.31 11.33 33.87
N LEU A 890 15.55 11.64 34.18
CA LEU A 890 15.90 12.84 34.94
C LEU A 890 17.34 13.23 34.61
N PRO A 891 17.55 14.22 33.74
CA PRO A 891 18.92 14.59 33.37
C PRO A 891 19.74 15.01 34.59
N GLU A 892 21.01 14.61 34.57
CA GLU A 892 21.92 14.80 35.70
C GLU A 892 21.33 14.26 37.00
N ALA A 893 20.89 13.01 36.93
CA ALA A 893 20.59 12.27 38.16
C ALA A 893 21.88 11.86 38.88
N ALA A 894 23.02 11.92 38.19
CA ALA A 894 24.30 11.67 38.85
C ALA A 894 24.60 12.74 39.89
N THR A 895 24.36 14.01 39.55
CA THR A 895 24.56 15.09 40.51
C THR A 895 23.67 14.94 41.74
N VAL A 896 22.38 14.65 41.55
CA VAL A 896 21.48 14.66 42.70
C VAL A 896 21.81 13.55 43.69
N MET A 897 22.56 12.52 43.28
CA MET A 897 23.04 11.52 44.21
C MET A 897 24.47 11.74 44.66
N THR A 898 25.26 12.56 43.94
CA THR A 898 26.53 13.02 44.49
C THR A 898 26.29 13.95 45.67
N THR A 899 25.39 14.91 45.50
CA THR A 899 25.10 15.87 46.56
C THR A 899 24.51 15.16 47.78
N MET A 900 23.49 14.34 47.57
CA MET A 900 22.82 13.71 48.72
C MET A 900 23.74 12.74 49.44
N ALA A 901 24.57 12.01 48.70
CA ALA A 901 25.54 11.12 49.34
C ALA A 901 26.39 11.88 50.35
N ALA A 902 26.79 13.10 49.99
CA ALA A 902 27.50 13.98 50.92
C ALA A 902 26.58 14.60 51.95
N ALA A 903 25.26 14.54 51.77
CA ALA A 903 24.34 15.14 52.73
C ALA A 903 24.34 14.40 54.06
N GLU A 904 24.76 13.14 54.09
CA GLU A 904 24.95 12.43 55.35
C GLU A 904 26.40 12.02 55.58
N GLU A 905 27.31 12.34 54.66
CA GLU A 905 28.71 12.46 55.02
C GLU A 905 29.01 13.77 55.72
N LEU A 906 27.96 14.52 56.07
CA LEU A 906 28.09 15.79 56.76
C LEU A 906 27.12 15.96 57.93
N SER A 907 26.04 15.18 58.00
CA SER A 907 25.03 15.35 59.03
C SER A 907 25.01 14.22 60.04
N GLN A 908 25.78 13.16 59.84
CA GLN A 908 26.03 12.22 60.92
C GLN A 908 27.26 12.59 61.72
N GLN A 909 28.06 13.56 61.23
CA GLN A 909 29.20 14.10 62.01
C GLN A 909 28.85 15.53 62.41
N LYS A 910 28.82 15.82 63.72
CA LYS A 910 28.53 17.14 64.22
C LYS A 910 29.77 18.01 64.15
N ASP A 911 29.50 19.30 64.04
CA ASP A 911 30.37 20.44 64.34
C ASP A 911 31.32 20.78 63.20
N LYS A 912 30.98 20.43 61.95
CA LYS A 912 31.62 21.08 60.82
C LYS A 912 31.06 22.50 60.67
N PHE A 913 29.77 22.59 60.39
CA PHE A 913 29.01 23.82 60.46
C PHE A 913 27.96 23.76 61.56
N SER A 914 28.02 22.75 62.43
CA SER A 914 26.84 22.35 63.18
C SER A 914 26.43 23.41 64.19
N GLN A 915 25.15 23.75 64.12
CA GLN A 915 24.45 24.72 64.93
C GLN A 915 23.04 24.15 64.97
N GLU A 916 22.03 24.98 65.18
CA GLU A 916 20.71 24.51 64.81
C GLU A 916 20.59 24.28 63.30
N GLN A 917 21.59 24.71 62.52
CA GLN A 917 21.59 24.46 61.07
C GLN A 917 21.55 22.97 60.76
N LEU A 918 22.09 22.12 61.64
CA LEU A 918 22.16 20.69 61.36
C LEU A 918 20.78 20.09 61.17
N LYS A 919 19.81 20.51 61.97
CA LYS A 919 18.45 20.00 61.81
C LYS A 919 17.70 20.69 60.68
N GLU A 920 18.11 21.90 60.29
CA GLU A 920 17.64 22.45 59.02
C GLU A 920 18.35 21.83 57.84
N LEU A 921 19.43 21.07 58.07
CA LEU A 921 19.89 20.15 57.02
C LEU A 921 19.05 18.89 56.99
N GLU A 922 18.85 18.26 58.15
CA GLU A 922 18.28 16.93 58.21
C GLU A 922 16.82 16.92 57.75
N VAL A 923 16.10 18.02 57.93
CA VAL A 923 14.76 18.11 57.35
C VAL A 923 14.82 18.20 55.84
N LYS A 924 15.95 18.64 55.29
CA LYS A 924 16.12 18.76 53.85
C LYS A 924 16.78 17.53 53.23
N VAL A 925 17.52 16.74 53.99
CA VAL A 925 18.00 15.46 53.48
C VAL A 925 16.89 14.41 53.57
N ALA A 926 16.08 14.47 54.63
CA ALA A 926 14.96 13.53 54.76
C ALA A 926 13.87 13.81 53.73
N ALA A 927 13.82 15.01 53.17
CA ALA A 927 12.83 15.34 52.17
C ALA A 927 13.30 15.04 50.75
N LEU A 928 14.61 14.83 50.54
CA LEU A 928 15.06 14.40 49.23
C LEU A 928 15.09 12.88 49.10
N LYS A 929 15.54 12.18 50.13
CA LYS A 929 15.39 10.72 50.13
C LYS A 929 13.92 10.34 50.00
N ALA A 930 13.04 11.14 50.59
CA ALA A 930 11.60 10.92 50.42
C ALA A 930 11.15 11.29 49.01
N ALA A 931 11.72 12.37 48.45
CA ALA A 931 11.36 12.76 47.10
C ALA A 931 11.88 11.75 46.07
N LEU A 932 13.11 11.27 46.25
CA LEU A 932 13.66 10.28 45.32
C LEU A 932 12.96 8.93 45.47
N ASP A 933 12.79 8.47 46.71
CA ASP A 933 12.17 7.17 46.95
C ASP A 933 10.67 7.29 47.14
N ASN A 934 10.02 7.94 46.17
CA ASN A 934 8.58 8.11 46.17
C ASN A 934 7.97 7.36 45.01
N LYS A 935 6.76 6.86 45.26
CA LYS A 935 6.11 5.97 44.31
C LYS A 935 5.61 6.76 43.11
N MET A 936 5.12 7.97 43.37
CA MET A 936 4.86 8.96 42.35
C MET A 936 6.15 9.77 42.16
N PHE A 937 6.94 9.39 41.16
CA PHE A 937 8.17 10.12 40.85
C PHE A 937 7.82 11.44 40.19
N ASN A 938 8.16 12.54 40.85
CA ASN A 938 8.02 13.88 40.28
C ASN A 938 9.41 14.48 40.17
N ALA A 939 9.90 14.64 38.94
CA ALA A 939 11.25 15.16 38.73
C ALA A 939 11.37 16.59 39.23
N ASP A 940 10.35 17.42 38.97
CA ASP A 940 10.40 18.82 39.39
C ASP A 940 10.40 18.93 40.91
N THR A 941 9.73 18.01 41.60
CA THR A 941 9.78 18.00 43.06
C THR A 941 11.18 17.71 43.57
N ILE A 942 11.88 16.76 42.95
CA ILE A 942 13.22 16.40 43.41
C ILE A 942 14.21 17.52 43.11
N ASN A 943 14.11 18.13 41.93
CA ASN A 943 14.97 19.26 41.60
C ASN A 943 14.85 20.35 42.65
N ALA A 944 13.62 20.73 42.97
CA ALA A 944 13.40 21.75 43.99
C ALA A 944 13.96 21.31 45.34
N SER A 945 13.79 20.04 45.68
CA SER A 945 14.42 19.50 46.88
C SER A 945 15.93 19.38 46.72
N PHE A 946 16.40 19.08 45.51
CA PHE A 946 17.84 19.02 45.27
C PHE A 946 18.45 20.41 45.20
N ALA A 947 17.75 21.36 44.57
CA ALA A 947 18.30 22.70 44.41
C ALA A 947 18.43 23.42 45.75
N ASP A 948 17.51 23.21 46.67
CA ASP A 948 17.51 23.94 47.93
C ASP A 948 18.29 23.23 49.03
N VAL A 949 18.66 21.97 48.81
CA VAL A 949 19.72 21.36 49.60
C VAL A 949 21.08 21.86 49.12
N LYS A 950 21.22 22.08 47.80
CA LYS A 950 22.42 22.67 47.26
C LYS A 950 22.66 24.07 47.81
N ALA A 951 21.59 24.81 48.08
CA ALA A 951 21.73 26.15 48.61
C ALA A 951 22.25 26.16 50.04
N TYR A 952 22.18 25.03 50.75
CA TYR A 952 22.43 25.08 52.17
C TYR A 952 23.81 24.49 52.50
N ILE A 953 24.72 24.53 51.53
CA ILE A 953 26.11 24.09 51.71
C ILE A 953 27.06 25.27 51.85
N ASP A 954 26.97 26.26 50.95
CA ASP A 954 27.78 27.46 51.09
C ASP A 954 27.42 28.23 52.35
N LYS A 955 26.21 28.03 52.86
CA LYS A 955 25.75 28.69 54.07
C LYS A 955 25.74 27.69 55.23
#